data_1HT5
#
_entry.id   1HT5
#
_cell.length_a   98.888
_cell.length_b   209.450
_cell.length_c   223.013
_cell.angle_alpha   90.00
_cell.angle_beta   90.00
_cell.angle_gamma   90.00
#
_symmetry.space_group_name_H-M   'I 2 2 2'
#
loop_
_entity.id
_entity.type
_entity.pdbx_description
1 polymer 'PROSTAGLANDIN H2 SYNTHASE-1'
2 non-polymer 'octyl beta-D-glucopyranoside'
3 non-polymer 2-acetamido-2-deoxy-beta-D-glucopyranose
4 non-polymer 'PROTOPORPHYRIN IX CONTAINING FE'
5 non-polymer 'FLURBIPROFEN METHYL ESTER'
6 water water
#
_entity_poly.entity_id   1
_entity_poly.type   'polypeptide(L)'
_entity_poly.pdbx_seq_one_letter_code
;VNPCCYYPCQHQGICVRFGLDRYQCDCTRTGYSGPNCTIPEIWTWLRTTLRPSPSFIHFLLTHGRWLWDFVNATFIRDTL
MRLVLTVRSNLIPSPPTYNIAHDYISWESFSNVSYYTRILPSVPRDCPTPMGTKGKKQLPDAEFLSRRFLLRRKFIPDPQ
GTNLMFAFFAQHFTHQFFKTSGKMGPGFTKALGHGVDLGHIYGDNLERQYQLRLFKDGKLKYQMLNGEVYPPSVEEAPVL
MHYPRGIPPQSQMAVGQEVFGLLPGLMLYATIWLREHNRVCDLLKAEHPTWGDEQLFQTARLILIGETIKIVIEEYVQQL
SGYFLQLKFDPELLFGAQFQYRNRIAMEFNQLYHWHPLMPDSFRVGPQDYSYEQFLFNTSMLVDYGVEALVDAFSRQPAG
RIGGGRNIDHHILHVAVDVIKESRVLRLQPFNEYRKRFGMKPYTSFQELTGEKEMAAELEELYGDIDALEFYPGLLLEKC
HPNSIFGESMIEMGAPFSLKGLLGNPICSPEYWKASTFGGEVGFNLVKTATLKKLVCLNTKTCPYVSFHVP
;
_entity_poly.pdbx_strand_id   A,B
#
loop_
_chem_comp.id
_chem_comp.type
_chem_comp.name
_chem_comp.formula
BOG D-saccharide 'octyl beta-D-glucopyranoside' 'C14 H28 O6'
FL2 non-polymer 'FLURBIPROFEN METHYL ESTER' 'C16 H15 F O2'
HEM non-polymer 'PROTOPORPHYRIN IX CONTAINING FE' 'C34 H32 Fe N4 O4'
NAG D-saccharide, beta linking 2-acetamido-2-deoxy-beta-D-glucopyranose 'C8 H15 N O6'
#
# COMPACT_ATOMS: atom_id res chain seq x y z
N VAL A 1 -11.33 23.75 -29.11
CA VAL A 1 -10.28 22.72 -28.86
C VAL A 1 -9.87 22.59 -27.40
N ASN A 2 -9.89 21.36 -26.88
CA ASN A 2 -9.52 21.05 -25.49
C ASN A 2 -8.21 21.76 -25.11
N PRO A 3 -8.30 22.81 -24.26
CA PRO A 3 -7.10 23.54 -23.86
C PRO A 3 -5.99 22.65 -23.29
N CYS A 4 -6.35 21.62 -22.54
CA CYS A 4 -5.34 20.75 -21.97
C CYS A 4 -4.49 20.06 -23.04
N CYS A 5 -4.97 20.06 -24.29
CA CYS A 5 -4.21 19.44 -25.37
C CYS A 5 -2.89 20.19 -25.60
N TYR A 6 -2.82 21.44 -25.14
CA TYR A 6 -1.61 22.21 -25.32
C TYR A 6 -0.59 21.92 -24.23
N TYR A 7 -0.97 21.11 -23.24
CA TYR A 7 -0.07 20.81 -22.13
C TYR A 7 0.43 22.15 -21.57
N PRO A 8 -0.49 23.07 -21.29
CA PRO A 8 -0.13 24.39 -20.77
C PRO A 8 0.52 24.44 -19.40
N CYS A 9 0.10 23.56 -18.49
CA CYS A 9 0.66 23.55 -17.14
C CYS A 9 2.08 22.97 -17.10
N GLN A 10 3.02 23.76 -16.57
CA GLN A 10 4.41 23.35 -16.44
C GLN A 10 4.74 22.93 -15.01
N HIS A 11 5.93 22.36 -14.83
CA HIS A 11 6.44 21.94 -13.54
C HIS A 11 5.50 21.08 -12.67
N GLN A 12 4.84 20.14 -13.33
CA GLN A 12 3.91 19.20 -12.70
C GLN A 12 2.60 19.81 -12.27
N GLY A 13 2.28 20.98 -12.81
CA GLY A 13 0.98 21.56 -12.49
C GLY A 13 -0.04 20.66 -13.17
N ILE A 14 -1.23 20.54 -12.59
CA ILE A 14 -2.25 19.68 -13.16
C ILE A 14 -3.30 20.47 -13.93
N CYS A 15 -3.50 20.12 -15.20
CA CYS A 15 -4.47 20.77 -16.09
C CYS A 15 -5.87 20.28 -15.80
N VAL A 16 -6.77 21.21 -15.48
CA VAL A 16 -8.16 20.85 -15.19
C VAL A 16 -9.15 21.64 -16.05
N ARG A 17 -10.01 20.91 -16.74
CA ARG A 17 -11.03 21.48 -17.61
C ARG A 17 -12.10 22.17 -16.75
N PHE A 18 -12.54 23.35 -17.17
CA PHE A 18 -13.57 24.09 -16.43
C PHE A 18 -14.58 24.67 -17.41
N GLY A 19 -15.86 24.54 -17.09
CA GLY A 19 -16.86 25.05 -18.00
C GLY A 19 -16.72 24.29 -19.30
N LEU A 20 -17.17 24.89 -20.39
CA LEU A 20 -17.10 24.25 -21.70
C LEU A 20 -15.78 24.44 -22.42
N ASP A 21 -15.15 25.58 -22.22
CA ASP A 21 -13.91 25.89 -22.92
C ASP A 21 -12.70 26.31 -22.09
N ARG A 22 -12.90 26.57 -20.81
CA ARG A 22 -11.80 27.01 -19.97
C ARG A 22 -10.95 25.91 -19.36
N TYR A 23 -9.75 26.29 -18.94
CA TYR A 23 -8.81 25.38 -18.31
C TYR A 23 -8.23 26.14 -17.12
N GLN A 24 -7.64 25.42 -16.19
CA GLN A 24 -7.08 26.04 -15.00
C GLN A 24 -6.01 25.10 -14.47
N CYS A 25 -4.85 25.63 -14.10
CA CYS A 25 -3.78 24.78 -13.57
C CYS A 25 -3.67 24.83 -12.07
N ASP A 26 -3.68 23.65 -11.44
CA ASP A 26 -3.53 23.54 -10.01
C ASP A 26 -2.01 23.52 -9.82
N CYS A 27 -1.44 24.62 -9.31
CA CYS A 27 0.00 24.70 -9.13
C CYS A 27 0.49 24.39 -7.72
N THR A 28 -0.38 23.80 -6.92
CA THR A 28 -0.04 23.45 -5.54
C THR A 28 1.35 22.81 -5.40
N ARG A 29 2.15 23.36 -4.50
CA ARG A 29 3.47 22.84 -4.18
C ARG A 29 4.43 22.49 -5.33
N THR A 30 4.32 23.21 -6.44
CA THR A 30 5.18 22.98 -7.59
C THR A 30 6.35 23.95 -7.54
N GLY A 31 6.27 24.94 -6.67
CA GLY A 31 7.32 25.93 -6.58
C GLY A 31 7.07 27.12 -7.50
N TYR A 32 5.98 27.04 -8.27
CA TYR A 32 5.60 28.09 -9.21
C TYR A 32 4.14 28.46 -9.09
N SER A 33 3.82 29.65 -9.58
CA SER A 33 2.46 30.15 -9.61
C SER A 33 2.25 30.80 -10.99
N GLY A 34 1.08 31.35 -11.22
CA GLY A 34 0.78 31.95 -12.52
C GLY A 34 -0.18 31.00 -13.22
N PRO A 35 -0.91 31.47 -14.23
CA PRO A 35 -1.86 30.59 -14.93
C PRO A 35 -1.28 29.23 -15.31
N ASN A 36 0.00 29.18 -15.66
CA ASN A 36 0.61 27.92 -16.05
C ASN A 36 1.71 27.40 -15.15
N CYS A 37 1.75 27.89 -13.92
CA CYS A 37 2.77 27.45 -12.98
C CYS A 37 4.18 27.71 -13.54
N THR A 38 4.45 28.93 -14.01
CA THR A 38 5.78 29.25 -14.52
C THR A 38 6.47 30.39 -13.77
N ILE A 39 5.76 31.06 -12.86
CA ILE A 39 6.35 32.13 -12.08
C ILE A 39 6.94 31.51 -10.80
N PRO A 40 8.27 31.35 -10.76
CA PRO A 40 9.01 30.76 -9.65
C PRO A 40 9.13 31.54 -8.35
N GLU A 41 9.14 30.79 -7.26
CA GLU A 41 9.31 31.36 -5.95
C GLU A 41 10.82 31.51 -5.85
N ILE A 42 11.28 32.54 -5.16
CA ILE A 42 12.71 32.81 -5.05
C ILE A 42 13.56 31.55 -4.85
N TRP A 43 13.14 30.68 -3.93
CA TRP A 43 13.88 29.46 -3.67
C TRP A 43 13.91 28.53 -4.87
N THR A 44 12.79 28.43 -5.58
CA THR A 44 12.71 27.59 -6.75
C THR A 44 13.67 28.11 -7.80
N TRP A 45 13.75 29.43 -7.89
CA TRP A 45 14.63 30.07 -8.85
C TRP A 45 16.09 29.83 -8.49
N LEU A 46 16.42 29.88 -7.19
CA LEU A 46 17.81 29.63 -6.76
C LEU A 46 18.23 28.21 -7.14
N ARG A 47 17.35 27.26 -6.86
CA ARG A 47 17.59 25.85 -7.14
C ARG A 47 17.81 25.57 -8.63
N THR A 48 16.95 26.09 -9.49
CA THR A 48 17.12 25.82 -10.92
C THR A 48 18.26 26.60 -11.57
N THR A 49 18.67 27.71 -10.96
CA THR A 49 19.76 28.47 -11.53
C THR A 49 21.09 27.85 -11.08
N LEU A 50 21.08 27.20 -9.93
CA LEU A 50 22.30 26.59 -9.41
C LEU A 50 22.50 25.15 -9.86
N ARG A 51 21.43 24.50 -10.29
CA ARG A 51 21.55 23.12 -10.73
C ARG A 51 22.37 22.98 -11.99
N PRO A 52 23.37 22.08 -11.99
CA PRO A 52 24.24 21.84 -13.15
C PRO A 52 23.50 20.92 -14.13
N SER A 53 23.92 20.91 -15.39
CA SER A 53 23.26 20.08 -16.39
C SER A 53 23.38 18.59 -16.08
N PRO A 54 22.32 17.83 -16.35
CA PRO A 54 22.33 16.39 -16.10
C PRO A 54 23.52 15.75 -16.80
N SER A 55 24.03 16.45 -17.81
CA SER A 55 25.16 15.98 -18.59
C SER A 55 26.48 16.31 -17.90
N PHE A 56 26.48 17.40 -17.14
CA PHE A 56 27.68 17.84 -16.43
C PHE A 56 27.92 16.94 -15.23
N ILE A 57 26.85 16.63 -14.50
CA ILE A 57 26.98 15.78 -13.33
C ILE A 57 27.51 14.43 -13.77
N HIS A 58 27.00 13.93 -14.90
CA HIS A 58 27.43 12.64 -15.43
C HIS A 58 28.95 12.69 -15.58
N PHE A 59 29.44 13.83 -16.08
CA PHE A 59 30.86 14.06 -16.27
C PHE A 59 31.63 13.88 -14.96
N LEU A 60 31.17 14.55 -13.92
CA LEU A 60 31.80 14.47 -12.61
C LEU A 60 31.82 13.05 -12.06
N LEU A 61 30.80 12.28 -12.39
CA LEU A 61 30.72 10.91 -11.88
C LEU A 61 31.52 9.91 -12.71
N THR A 62 32.02 10.35 -13.87
CA THR A 62 32.78 9.46 -14.74
C THR A 62 34.23 9.89 -14.97
N HIS A 63 34.75 10.73 -14.08
CA HIS A 63 36.11 11.22 -14.19
C HIS A 63 36.78 11.36 -12.84
N GLY A 64 38.11 11.39 -12.85
CA GLY A 64 38.89 11.53 -11.63
C GLY A 64 38.88 10.32 -10.72
N ARG A 65 39.01 9.12 -11.29
CA ARG A 65 38.98 7.90 -10.49
C ARG A 65 39.64 8.07 -9.13
N TRP A 66 40.83 8.66 -9.11
CA TRP A 66 41.57 8.86 -7.87
C TRP A 66 40.68 9.56 -6.84
N LEU A 67 39.98 10.61 -7.28
CA LEU A 67 39.09 11.39 -6.42
C LEU A 67 38.03 10.50 -5.75
N TRP A 68 37.29 9.75 -6.57
CA TRP A 68 36.23 8.89 -6.06
C TRP A 68 36.70 7.78 -5.12
N ASP A 69 37.97 7.40 -5.22
CA ASP A 69 38.48 6.36 -4.35
C ASP A 69 38.53 6.78 -2.88
N PHE A 70 38.97 8.02 -2.61
CA PHE A 70 38.98 8.50 -1.23
C PHE A 70 37.52 8.70 -0.82
N VAL A 71 36.73 9.28 -1.72
CA VAL A 71 35.31 9.51 -1.44
C VAL A 71 34.59 8.21 -1.10
N ASN A 72 34.74 7.20 -1.95
CA ASN A 72 34.09 5.91 -1.73
C ASN A 72 34.46 5.23 -0.41
N ALA A 73 35.60 5.59 0.17
CA ALA A 73 36.03 4.96 1.42
C ALA A 73 35.69 5.78 2.66
N THR A 74 34.89 6.83 2.48
CA THR A 74 34.49 7.68 3.61
C THR A 74 32.98 7.83 3.66
N PHE A 75 32.48 8.46 4.71
CA PHE A 75 31.05 8.66 4.86
C PHE A 75 30.47 9.52 3.73
N ILE A 76 31.35 10.16 2.96
CA ILE A 76 30.87 10.99 1.87
C ILE A 76 30.11 10.11 0.89
N ARG A 77 30.55 8.86 0.76
CA ARG A 77 29.88 7.91 -0.11
C ARG A 77 28.40 7.88 0.28
N ASP A 78 28.14 7.64 1.56
CA ASP A 78 26.78 7.60 2.06
C ASP A 78 26.01 8.87 1.71
N THR A 79 26.53 10.01 2.13
CA THR A 79 25.89 11.29 1.88
C THR A 79 25.42 11.41 0.43
N LEU A 80 26.23 10.93 -0.50
CA LEU A 80 25.89 11.00 -1.91
C LEU A 80 24.82 9.98 -2.29
N MET A 81 24.95 8.74 -1.81
CA MET A 81 23.98 7.70 -2.14
C MET A 81 22.57 8.10 -1.71
N ARG A 82 22.48 8.90 -0.64
CA ARG A 82 21.22 9.36 -0.10
C ARG A 82 20.71 10.50 -0.96
N LEU A 83 21.61 11.39 -1.32
CA LEU A 83 21.28 12.53 -2.15
C LEU A 83 20.65 12.02 -3.43
N VAL A 84 21.26 10.98 -3.98
CA VAL A 84 20.82 10.31 -5.20
C VAL A 84 19.46 9.66 -4.98
N LEU A 85 19.38 8.84 -3.93
CA LEU A 85 18.15 8.15 -3.60
C LEU A 85 16.94 9.08 -3.43
N THR A 86 17.11 10.21 -2.75
CA THR A 86 15.96 11.09 -2.56
C THR A 86 15.61 12.00 -3.75
N VAL A 87 16.59 12.64 -4.35
CA VAL A 87 16.31 13.53 -5.46
C VAL A 87 15.73 12.76 -6.65
N ARG A 88 16.21 11.53 -6.82
CA ARG A 88 15.75 10.68 -7.90
C ARG A 88 14.32 10.20 -7.59
N SER A 89 14.08 9.86 -6.33
CA SER A 89 12.77 9.39 -5.91
C SER A 89 11.63 10.39 -5.96
N ASN A 90 11.86 11.63 -5.52
CA ASN A 90 10.81 12.66 -5.52
C ASN A 90 10.20 12.95 -6.86
N LEU A 91 10.68 12.28 -7.91
CA LEU A 91 10.14 12.51 -9.23
C LEU A 91 9.03 11.50 -9.52
N ILE A 92 8.90 10.52 -8.65
CA ILE A 92 7.87 9.50 -8.81
C ILE A 92 6.78 9.75 -7.80
N PRO A 93 5.55 9.95 -8.28
CA PRO A 93 4.44 10.19 -7.35
C PRO A 93 4.08 8.99 -6.48
N SER A 94 3.99 9.22 -5.18
CA SER A 94 3.66 8.17 -4.22
C SER A 94 2.80 8.74 -3.10
N PRO A 95 1.54 8.26 -2.95
CA PRO A 95 0.80 7.23 -3.70
C PRO A 95 0.70 7.52 -5.18
N PRO A 96 0.45 6.48 -6.01
CA PRO A 96 0.35 6.65 -7.47
C PRO A 96 -0.83 7.52 -7.90
N THR A 97 -0.76 8.06 -9.10
CA THR A 97 -1.82 8.94 -9.56
C THR A 97 -2.83 8.42 -10.56
N TYR A 98 -2.45 8.47 -11.83
CA TYR A 98 -3.34 8.07 -12.94
C TYR A 98 -3.07 6.71 -13.53
N ASN A 99 -4.05 6.22 -14.28
CA ASN A 99 -3.93 4.94 -14.98
C ASN A 99 -4.66 5.05 -16.33
N ILE A 100 -4.61 3.97 -17.11
CA ILE A 100 -5.23 3.97 -18.42
C ILE A 100 -6.71 4.34 -18.42
N ALA A 101 -7.38 4.18 -17.30
CA ALA A 101 -8.79 4.51 -17.23
C ALA A 101 -9.05 5.91 -16.73
N HIS A 102 -8.24 6.36 -15.76
CA HIS A 102 -8.42 7.70 -15.22
C HIS A 102 -7.22 8.61 -15.38
N ASP A 103 -7.42 9.76 -16.02
CA ASP A 103 -6.35 10.74 -16.18
C ASP A 103 -6.53 11.72 -15.04
N TYR A 104 -6.87 11.18 -13.88
CA TYR A 104 -7.11 11.97 -12.69
C TYR A 104 -7.11 11.05 -11.46
N ILE A 105 -6.86 11.63 -10.29
CA ILE A 105 -6.80 10.86 -9.05
C ILE A 105 -8.14 10.29 -8.64
N SER A 106 -8.17 9.01 -8.29
CA SER A 106 -9.42 8.38 -7.88
C SER A 106 -9.15 7.22 -6.95
N TRP A 107 -10.18 6.80 -6.22
CA TRP A 107 -9.99 5.69 -5.31
C TRP A 107 -9.77 4.41 -6.09
N GLU A 108 -10.44 4.30 -7.23
CA GLU A 108 -10.28 3.12 -8.06
C GLU A 108 -8.82 3.04 -8.48
N SER A 109 -8.25 4.16 -8.94
CA SER A 109 -6.86 4.17 -9.37
C SER A 109 -5.90 3.83 -8.23
N PHE A 110 -6.26 4.21 -7.01
CA PHE A 110 -5.41 3.92 -5.87
C PHE A 110 -5.51 2.50 -5.33
N SER A 111 -6.70 1.93 -5.37
CA SER A 111 -6.87 0.59 -4.80
C SER A 111 -6.73 -0.53 -5.81
N ASN A 112 -7.14 -0.26 -7.04
CA ASN A 112 -7.11 -1.23 -8.11
C ASN A 112 -5.75 -1.58 -8.68
N VAL A 113 -5.05 -2.42 -7.94
CA VAL A 113 -3.71 -2.88 -8.24
C VAL A 113 -3.53 -3.67 -9.55
N SER A 114 -4.61 -3.91 -10.29
CA SER A 114 -4.48 -4.63 -11.55
C SER A 114 -4.08 -3.71 -12.67
N TYR A 115 -4.16 -2.42 -12.42
CA TYR A 115 -3.79 -1.41 -13.40
C TYR A 115 -2.33 -1.04 -13.28
N TYR A 116 -1.76 -0.56 -14.38
CA TYR A 116 -0.39 -0.05 -14.44
C TYR A 116 -0.69 1.42 -14.15
N THR A 117 0.23 2.12 -13.50
CA THR A 117 0.00 3.54 -13.25
C THR A 117 0.74 4.29 -14.34
N ARG A 118 0.59 5.61 -14.37
CA ARG A 118 1.27 6.43 -15.35
C ARG A 118 1.63 7.79 -14.73
N ILE A 119 2.80 8.30 -15.08
CA ILE A 119 3.31 9.55 -14.56
C ILE A 119 2.64 10.77 -15.18
N LEU A 120 2.51 10.74 -16.51
CA LEU A 120 1.84 11.83 -17.20
C LEU A 120 0.52 11.29 -17.69
N PRO A 121 -0.53 12.11 -17.64
CA PRO A 121 -1.82 11.60 -18.12
C PRO A 121 -1.69 11.36 -19.61
N SER A 122 -2.75 10.87 -20.23
CA SER A 122 -2.69 10.59 -21.65
C SER A 122 -2.96 11.83 -22.50
N VAL A 123 -2.90 11.64 -23.81
CA VAL A 123 -3.19 12.70 -24.75
C VAL A 123 -4.70 12.62 -24.84
N PRO A 124 -5.40 13.73 -24.50
CA PRO A 124 -6.87 13.72 -24.55
C PRO A 124 -7.38 13.23 -25.91
N ARG A 125 -8.22 12.20 -25.86
CA ARG A 125 -8.81 11.60 -27.06
C ARG A 125 -9.43 12.58 -28.06
N ASP A 126 -9.57 13.85 -27.67
CA ASP A 126 -10.17 14.83 -28.57
C ASP A 126 -9.20 15.95 -29.00
N CYS A 127 -7.93 15.62 -29.17
CA CYS A 127 -6.94 16.61 -29.59
C CYS A 127 -6.75 16.65 -31.10
N PRO A 128 -6.40 17.83 -31.63
CA PRO A 128 -6.16 18.07 -33.06
C PRO A 128 -5.29 17.00 -33.73
N THR A 129 -4.26 16.56 -33.00
CA THR A 129 -3.32 15.55 -33.51
C THR A 129 -3.17 14.44 -32.47
N PRO A 130 -2.70 13.26 -32.90
CA PRO A 130 -2.50 12.12 -32.02
C PRO A 130 -1.60 12.40 -30.83
N MET A 131 -0.73 13.40 -30.98
CA MET A 131 0.22 13.76 -29.93
C MET A 131 -0.24 15.00 -29.15
N GLY A 132 -1.40 15.52 -29.52
CA GLY A 132 -1.92 16.69 -28.85
C GLY A 132 -2.20 17.84 -29.78
N THR A 133 -1.14 18.58 -30.11
CA THR A 133 -1.28 19.74 -30.97
C THR A 133 -0.27 19.80 -32.10
N LYS A 134 0.88 19.16 -31.93
CA LYS A 134 1.91 19.20 -32.96
C LYS A 134 1.97 17.92 -33.81
N GLY A 135 2.66 18.03 -34.94
CA GLY A 135 2.81 16.90 -35.83
C GLY A 135 1.68 16.72 -36.81
N LYS A 136 1.81 15.69 -37.64
CA LYS A 136 0.83 15.37 -38.67
C LYS A 136 -0.40 14.71 -38.07
N LYS A 137 -1.49 14.67 -38.83
CA LYS A 137 -2.72 14.05 -38.35
C LYS A 137 -2.48 12.56 -38.16
N GLN A 138 -1.42 12.05 -38.77
CA GLN A 138 -1.09 10.65 -38.68
C GLN A 138 0.37 10.36 -38.34
N LEU A 139 0.58 9.44 -37.41
CA LEU A 139 1.92 9.06 -37.00
C LEU A 139 2.57 8.09 -37.96
N PRO A 140 3.90 8.08 -38.00
CA PRO A 140 4.62 7.17 -38.90
C PRO A 140 4.24 5.72 -38.64
N ASP A 141 4.18 4.93 -39.70
CA ASP A 141 3.86 3.52 -39.61
C ASP A 141 4.87 2.85 -38.67
N ALA A 142 4.40 2.31 -37.55
CA ALA A 142 5.27 1.66 -36.57
C ALA A 142 6.32 0.74 -37.20
N GLU A 143 5.90 -0.21 -38.03
CA GLU A 143 6.84 -1.12 -38.66
C GLU A 143 7.93 -0.39 -39.43
N PHE A 144 7.52 0.57 -40.24
CA PHE A 144 8.46 1.35 -41.05
C PHE A 144 9.46 2.05 -40.13
N LEU A 145 8.94 2.74 -39.12
CA LEU A 145 9.77 3.48 -38.18
C LEU A 145 10.79 2.54 -37.58
N SER A 146 10.35 1.35 -37.21
CA SER A 146 11.24 0.35 -36.63
C SER A 146 12.31 -0.11 -37.62
N ARG A 147 11.87 -0.58 -38.78
CA ARG A 147 12.80 -1.07 -39.78
C ARG A 147 13.86 -0.04 -40.14
N ARG A 148 13.41 1.20 -40.36
CA ARG A 148 14.33 2.26 -40.74
C ARG A 148 15.29 2.71 -39.66
N PHE A 149 14.84 2.77 -38.41
CA PHE A 149 15.72 3.25 -37.34
C PHE A 149 16.08 2.31 -36.20
N LEU A 150 15.37 1.20 -36.04
CA LEU A 150 15.72 0.31 -34.94
C LEU A 150 16.30 -1.03 -35.38
N LEU A 151 16.02 -1.42 -36.62
CA LEU A 151 16.53 -2.69 -37.14
C LEU A 151 18.07 -2.72 -37.16
N ARG A 152 18.65 -3.79 -36.66
CA ARG A 152 20.10 -3.94 -36.64
C ARG A 152 20.65 -4.21 -38.05
N ARG A 153 21.70 -3.51 -38.42
CA ARG A 153 22.32 -3.73 -39.71
C ARG A 153 23.58 -4.50 -39.34
N LYS A 154 24.42 -3.87 -38.53
CA LYS A 154 25.67 -4.48 -38.08
C LYS A 154 25.66 -4.47 -36.55
N PHE A 155 25.97 -5.60 -35.93
CA PHE A 155 25.97 -5.67 -34.47
C PHE A 155 26.91 -4.65 -33.84
N ILE A 156 26.36 -3.90 -32.89
CA ILE A 156 27.10 -2.87 -32.18
C ILE A 156 27.15 -3.26 -30.70
N PRO A 157 28.29 -3.79 -30.26
CA PRO A 157 28.40 -4.20 -28.86
C PRO A 157 28.37 -2.99 -27.93
N ASP A 158 27.97 -3.22 -26.68
CA ASP A 158 27.91 -2.13 -25.72
C ASP A 158 29.31 -1.66 -25.31
N PRO A 159 29.64 -0.40 -25.61
CA PRO A 159 30.96 0.10 -25.25
C PRO A 159 31.33 -0.02 -23.77
N GLN A 160 30.33 -0.17 -22.90
CA GLN A 160 30.62 -0.29 -21.47
C GLN A 160 30.98 -1.71 -21.05
N GLY A 161 31.00 -2.63 -22.00
CA GLY A 161 31.36 -4.02 -21.70
C GLY A 161 30.28 -4.95 -21.17
N THR A 162 29.03 -4.50 -21.20
CA THR A 162 27.93 -5.32 -20.70
C THR A 162 27.77 -6.64 -21.48
N ASN A 163 27.71 -7.75 -20.76
CA ASN A 163 27.56 -9.05 -21.40
C ASN A 163 26.12 -9.53 -21.39
N LEU A 164 25.91 -10.79 -21.76
CA LEU A 164 24.57 -11.36 -21.79
C LEU A 164 24.14 -11.84 -20.41
N MET A 165 25.10 -12.04 -19.51
CA MET A 165 24.78 -12.47 -18.16
C MET A 165 23.94 -11.33 -17.58
N PHE A 166 24.32 -10.10 -17.94
CA PHE A 166 23.61 -8.93 -17.49
C PHE A 166 22.25 -8.88 -18.20
N ALA A 167 22.27 -9.00 -19.52
CA ALA A 167 21.05 -8.96 -20.31
C ALA A 167 19.99 -9.89 -19.76
N PHE A 168 20.33 -11.17 -19.62
CA PHE A 168 19.34 -12.09 -19.10
C PHE A 168 18.92 -11.78 -17.68
N PHE A 169 19.84 -11.27 -16.88
CA PHE A 169 19.48 -10.93 -15.50
C PHE A 169 18.38 -9.88 -15.59
N ALA A 170 18.60 -8.90 -16.47
CA ALA A 170 17.64 -7.82 -16.67
C ALA A 170 16.29 -8.36 -17.09
N GLN A 171 16.29 -9.29 -18.03
CA GLN A 171 15.05 -9.88 -18.49
C GLN A 171 14.35 -10.61 -17.34
N HIS A 172 15.08 -11.52 -16.70
CA HIS A 172 14.57 -12.30 -15.57
C HIS A 172 13.98 -11.38 -14.50
N PHE A 173 14.83 -10.52 -13.95
CA PHE A 173 14.46 -9.58 -12.91
C PHE A 173 13.22 -8.72 -13.21
N THR A 174 13.17 -8.11 -14.40
CA THR A 174 12.05 -7.26 -14.73
C THR A 174 10.73 -7.99 -14.99
N HIS A 175 10.79 -9.21 -15.50
CA HIS A 175 9.55 -9.93 -15.75
C HIS A 175 8.88 -10.42 -14.48
N GLN A 176 9.30 -9.84 -13.35
CA GLN A 176 8.70 -10.19 -12.09
C GLN A 176 7.68 -9.09 -11.80
N PHE A 177 7.92 -7.91 -12.39
CA PHE A 177 7.00 -6.79 -12.19
C PHE A 177 6.42 -6.20 -13.49
N PHE A 178 6.83 -6.77 -14.63
CA PHE A 178 6.30 -6.35 -15.94
C PHE A 178 5.59 -7.58 -16.53
N LYS A 179 4.28 -7.69 -16.30
CA LYS A 179 3.53 -8.83 -16.84
C LYS A 179 2.20 -8.33 -17.37
N THR A 180 2.20 -7.80 -18.58
CA THR A 180 0.98 -7.27 -19.16
C THR A 180 -0.03 -8.38 -19.40
N SER A 181 -1.29 -8.10 -19.06
CA SER A 181 -2.35 -9.09 -19.23
C SER A 181 -2.88 -9.06 -20.66
N GLY A 182 -2.70 -10.16 -21.37
CA GLY A 182 -3.18 -10.24 -22.75
C GLY A 182 -4.70 -10.25 -22.73
N LYS A 183 -5.27 -10.88 -21.71
CA LYS A 183 -6.73 -10.97 -21.56
C LYS A 183 -7.37 -9.62 -21.21
N MET A 184 -6.67 -8.78 -20.45
CA MET A 184 -7.21 -7.48 -20.05
C MET A 184 -6.84 -6.32 -20.98
N GLY A 185 -5.71 -6.41 -21.66
CA GLY A 185 -5.30 -5.35 -22.56
C GLY A 185 -4.18 -4.49 -21.99
N PRO A 186 -3.47 -3.72 -22.84
CA PRO A 186 -2.39 -2.88 -22.31
C PRO A 186 -2.92 -2.05 -21.16
N GLY A 187 -2.02 -1.66 -20.27
CA GLY A 187 -2.43 -0.89 -19.13
C GLY A 187 -2.75 -1.78 -17.96
N PHE A 188 -2.89 -3.09 -18.20
CA PHE A 188 -3.20 -4.02 -17.13
C PHE A 188 -2.07 -5.00 -16.85
N THR A 189 -1.92 -5.40 -15.59
CA THR A 189 -0.85 -6.30 -15.19
C THR A 189 -1.33 -7.41 -14.26
N LYS A 190 -0.57 -8.51 -14.28
CA LYS A 190 -0.82 -9.67 -13.44
C LYS A 190 0.22 -9.69 -12.34
N ALA A 191 1.28 -8.90 -12.52
CA ALA A 191 2.34 -8.82 -11.54
C ALA A 191 1.95 -7.93 -10.36
N LEU A 192 0.80 -8.22 -9.77
CA LEU A 192 0.35 -7.46 -8.60
C LEU A 192 1.59 -7.62 -7.74
N GLY A 193 1.89 -6.67 -6.88
CA GLY A 193 3.13 -6.81 -6.13
C GLY A 193 3.90 -5.58 -6.55
N HIS A 194 3.79 -5.26 -7.84
CA HIS A 194 4.39 -4.06 -8.41
C HIS A 194 5.81 -3.76 -7.93
N GLY A 195 6.68 -4.76 -7.95
CA GLY A 195 8.04 -4.54 -7.52
C GLY A 195 8.84 -5.81 -7.36
N VAL A 196 9.89 -5.71 -6.56
CA VAL A 196 10.74 -6.85 -6.31
C VAL A 196 10.16 -7.73 -5.21
N ASP A 197 9.12 -8.49 -5.55
CA ASP A 197 8.47 -9.40 -4.61
C ASP A 197 8.87 -10.82 -4.98
N LEU A 198 9.77 -10.93 -5.96
CA LEU A 198 10.25 -12.21 -6.45
C LEU A 198 9.12 -13.11 -6.97
N GLY A 199 8.07 -12.49 -7.51
CA GLY A 199 6.95 -13.25 -8.04
C GLY A 199 7.32 -14.16 -9.20
N HIS A 200 8.45 -13.89 -9.84
CA HIS A 200 8.86 -14.72 -10.96
C HIS A 200 9.54 -15.96 -10.42
N ILE A 201 9.56 -16.09 -9.10
CA ILE A 201 10.18 -17.23 -8.44
C ILE A 201 9.15 -18.01 -7.65
N TYR A 202 8.29 -17.30 -6.95
CA TYR A 202 7.27 -17.90 -6.11
C TYR A 202 5.87 -17.87 -6.72
N GLY A 203 5.70 -17.04 -7.75
CA GLY A 203 4.40 -16.93 -8.41
C GLY A 203 3.59 -15.72 -8.02
N ASP A 204 2.87 -15.15 -8.98
CA ASP A 204 2.04 -13.98 -8.73
C ASP A 204 0.73 -14.31 -7.99
N ASN A 205 0.57 -15.56 -7.56
CA ASN A 205 -0.63 -15.95 -6.80
C ASN A 205 -0.34 -17.13 -5.87
N LEU A 206 -1.07 -17.17 -4.75
CA LEU A 206 -0.91 -18.19 -3.74
C LEU A 206 -1.07 -19.65 -4.19
N GLU A 207 -2.20 -19.97 -4.81
CA GLU A 207 -2.43 -21.36 -5.22
C GLU A 207 -1.27 -21.82 -6.08
N ARG A 208 -0.71 -20.90 -6.86
CA ARG A 208 0.41 -21.23 -7.72
C ARG A 208 1.65 -21.48 -6.86
N GLN A 209 1.89 -20.60 -5.89
CA GLN A 209 3.03 -20.76 -5.01
C GLN A 209 2.95 -22.09 -4.26
N TYR A 210 1.74 -22.42 -3.83
CA TYR A 210 1.49 -23.66 -3.10
C TYR A 210 1.82 -24.87 -3.95
N GLN A 211 1.57 -24.74 -5.25
CA GLN A 211 1.83 -25.81 -6.19
C GLN A 211 3.33 -25.98 -6.45
N LEU A 212 4.08 -24.89 -6.29
CA LEU A 212 5.52 -24.91 -6.51
C LEU A 212 6.29 -25.33 -5.26
N ARG A 213 5.70 -25.06 -4.08
CA ARG A 213 6.36 -25.40 -2.82
C ARG A 213 6.37 -26.89 -2.47
N LEU A 214 7.43 -27.31 -1.77
CA LEU A 214 7.60 -28.70 -1.35
C LEU A 214 6.90 -28.92 -0.01
N PHE A 215 6.81 -27.84 0.78
CA PHE A 215 6.21 -27.88 2.10
C PHE A 215 7.00 -28.72 3.08
N LYS A 216 8.32 -28.63 2.94
CA LYS A 216 9.25 -29.31 3.80
C LYS A 216 10.45 -28.38 3.94
N ASP A 217 10.78 -28.05 5.17
CA ASP A 217 11.91 -27.17 5.41
C ASP A 217 11.75 -25.86 4.65
N GLY A 218 10.50 -25.53 4.34
CA GLY A 218 10.18 -24.30 3.63
C GLY A 218 10.76 -24.21 2.24
N LYS A 219 11.13 -25.36 1.69
CA LYS A 219 11.73 -25.39 0.36
C LYS A 219 10.81 -25.43 -0.85
N LEU A 220 11.43 -25.14 -2.01
CA LEU A 220 10.75 -25.14 -3.30
C LEU A 220 10.97 -26.53 -3.89
N LYS A 221 9.97 -27.03 -4.63
CA LYS A 221 10.11 -28.34 -5.26
C LYS A 221 11.25 -28.31 -6.27
N TYR A 222 11.78 -29.49 -6.57
CA TYR A 222 12.86 -29.57 -7.53
C TYR A 222 13.05 -31.00 -8.02
N GLN A 223 13.95 -31.17 -8.99
CA GLN A 223 14.24 -32.50 -9.53
C GLN A 223 15.74 -32.59 -9.72
N MET A 224 16.24 -33.82 -9.81
CA MET A 224 17.66 -34.03 -10.03
C MET A 224 17.81 -34.50 -11.47
N LEU A 225 18.81 -33.95 -12.15
CA LEU A 225 19.10 -34.30 -13.54
C LEU A 225 20.62 -34.22 -13.68
N ASN A 226 21.25 -35.33 -14.06
CA ASN A 226 22.70 -35.36 -14.21
C ASN A 226 23.35 -34.94 -12.90
N GLY A 227 22.72 -35.27 -11.78
CA GLY A 227 23.26 -34.92 -10.49
C GLY A 227 23.11 -33.47 -10.06
N GLU A 228 22.46 -32.65 -10.88
CA GLU A 228 22.26 -31.24 -10.54
C GLU A 228 20.82 -30.96 -10.19
N VAL A 229 20.60 -29.87 -9.46
CA VAL A 229 19.26 -29.48 -9.06
C VAL A 229 18.66 -28.55 -10.10
N TYR A 230 17.44 -28.85 -10.50
CA TYR A 230 16.73 -28.03 -11.47
C TYR A 230 15.27 -27.89 -11.03
N PRO A 231 14.54 -26.92 -11.61
CA PRO A 231 13.15 -26.76 -11.22
C PRO A 231 12.43 -28.07 -11.44
N PRO A 232 11.29 -28.26 -10.78
CA PRO A 232 10.52 -29.49 -10.93
C PRO A 232 9.81 -29.52 -12.29
N SER A 233 9.23 -30.66 -12.64
CA SER A 233 8.51 -30.76 -13.90
C SER A 233 7.07 -30.36 -13.64
N VAL A 234 6.38 -29.89 -14.67
CA VAL A 234 5.00 -29.49 -14.51
C VAL A 234 4.18 -30.68 -14.04
N GLU A 235 4.66 -31.89 -14.29
CA GLU A 235 3.91 -33.05 -13.85
C GLU A 235 3.94 -33.03 -12.32
N GLU A 236 5.08 -32.67 -11.75
CA GLU A 236 5.25 -32.59 -10.30
C GLU A 236 4.77 -31.25 -9.70
N ALA A 237 4.80 -30.20 -10.50
CA ALA A 237 4.35 -28.88 -10.05
C ALA A 237 3.27 -28.41 -11.03
N PRO A 238 2.05 -28.96 -10.90
CA PRO A 238 0.87 -28.69 -11.72
C PRO A 238 0.54 -27.21 -11.87
N VAL A 239 1.43 -26.50 -12.56
CA VAL A 239 1.29 -25.07 -12.80
C VAL A 239 1.34 -24.77 -14.30
N LEU A 240 0.56 -23.77 -14.73
CA LEU A 240 0.52 -23.38 -16.13
C LEU A 240 1.85 -22.74 -16.62
N MET A 241 2.44 -23.36 -17.64
CA MET A 241 3.69 -22.85 -18.23
C MET A 241 3.40 -22.65 -19.72
N HIS A 242 3.85 -21.54 -20.27
CA HIS A 242 3.63 -21.28 -21.69
C HIS A 242 4.66 -22.01 -22.52
N TYR A 243 4.29 -23.17 -23.05
CA TYR A 243 5.17 -23.96 -23.88
C TYR A 243 4.47 -24.25 -25.20
N PRO A 244 5.24 -24.49 -26.27
CA PRO A 244 4.64 -24.78 -27.57
C PRO A 244 3.76 -26.02 -27.45
N ARG A 245 2.63 -26.03 -28.13
CA ARG A 245 1.74 -27.18 -28.06
C ARG A 245 2.47 -28.43 -28.48
N GLY A 246 2.23 -29.51 -27.74
CA GLY A 246 2.87 -30.76 -28.07
C GLY A 246 3.87 -31.22 -27.04
N ILE A 247 4.43 -30.27 -26.28
CA ILE A 247 5.39 -30.60 -25.25
C ILE A 247 4.62 -31.10 -24.03
N PRO A 248 4.75 -32.40 -23.71
CA PRO A 248 4.05 -32.98 -22.55
C PRO A 248 4.49 -32.43 -21.20
N PRO A 249 3.59 -32.46 -20.21
CA PRO A 249 3.82 -31.96 -18.85
C PRO A 249 5.14 -32.44 -18.23
N GLN A 250 5.45 -33.72 -18.44
CA GLN A 250 6.66 -34.29 -17.89
C GLN A 250 7.93 -33.66 -18.47
N SER A 251 7.79 -32.93 -19.59
CA SER A 251 8.94 -32.32 -20.25
C SER A 251 9.03 -30.82 -20.08
N GLN A 252 8.15 -30.25 -19.27
CA GLN A 252 8.13 -28.80 -19.02
C GLN A 252 8.72 -28.52 -17.64
N MET A 253 9.26 -27.31 -17.43
CA MET A 253 9.79 -26.95 -16.12
C MET A 253 8.91 -25.87 -15.48
N ALA A 254 8.50 -26.07 -14.22
CA ALA A 254 7.66 -25.12 -13.51
C ALA A 254 8.52 -24.15 -12.68
N VAL A 255 8.36 -22.84 -12.90
CA VAL A 255 9.19 -21.89 -12.17
C VAL A 255 8.60 -20.67 -11.47
N GLY A 256 7.37 -20.29 -11.81
CA GLY A 256 6.82 -19.13 -11.12
C GLY A 256 6.35 -18.14 -12.14
N GLN A 257 7.19 -17.90 -13.15
CA GLN A 257 6.84 -17.03 -14.25
C GLN A 257 6.49 -17.98 -15.42
N GLU A 258 5.25 -17.88 -15.91
CA GLU A 258 4.76 -18.74 -16.99
C GLU A 258 5.51 -18.70 -18.31
N VAL A 259 6.24 -17.62 -18.55
CA VAL A 259 6.95 -17.44 -19.82
C VAL A 259 8.42 -17.86 -19.81
N PHE A 260 8.96 -18.16 -18.64
CA PHE A 260 10.38 -18.50 -18.54
C PHE A 260 10.88 -19.76 -19.22
N GLY A 261 9.99 -20.60 -19.69
CA GLY A 261 10.43 -21.82 -20.34
C GLY A 261 10.90 -21.55 -21.75
N LEU A 262 10.52 -20.38 -22.26
CA LEU A 262 10.86 -19.98 -23.61
C LEU A 262 12.25 -19.35 -23.79
N LEU A 263 13.20 -19.70 -22.92
CA LEU A 263 14.57 -19.18 -23.03
C LEU A 263 15.55 -19.80 -22.04
N PRO A 264 16.60 -20.45 -22.55
CA PRO A 264 17.58 -21.06 -21.65
C PRO A 264 18.15 -20.03 -20.68
N GLY A 265 18.34 -18.80 -21.16
CA GLY A 265 18.86 -17.74 -20.33
C GLY A 265 17.93 -17.47 -19.16
N LEU A 266 16.64 -17.51 -19.41
CA LEU A 266 15.65 -17.29 -18.37
C LEU A 266 15.62 -18.42 -17.37
N MET A 267 15.52 -19.64 -17.87
CA MET A 267 15.47 -20.80 -16.97
C MET A 267 16.76 -20.94 -16.20
N LEU A 268 17.81 -20.32 -16.71
CA LEU A 268 19.11 -20.37 -16.06
C LEU A 268 18.97 -19.70 -14.69
N TYR A 269 18.51 -18.45 -14.71
CA TYR A 269 18.32 -17.72 -13.47
C TYR A 269 17.26 -18.37 -12.61
N ALA A 270 16.26 -18.92 -13.27
CA ALA A 270 15.18 -19.59 -12.56
C ALA A 270 15.85 -20.65 -11.67
N THR A 271 16.76 -21.40 -12.27
CA THR A 271 17.48 -22.45 -11.57
C THR A 271 18.39 -21.91 -10.47
N ILE A 272 19.16 -20.87 -10.79
CA ILE A 272 20.06 -20.31 -9.79
C ILE A 272 19.31 -19.84 -8.55
N TRP A 273 18.28 -19.03 -8.74
CA TRP A 273 17.52 -18.56 -7.61
C TRP A 273 16.85 -19.67 -6.82
N LEU A 274 16.28 -20.65 -7.53
CA LEU A 274 15.62 -21.78 -6.87
C LEU A 274 16.62 -22.45 -5.94
N ARG A 275 17.81 -22.71 -6.44
CA ARG A 275 18.84 -23.33 -5.64
C ARG A 275 19.12 -22.43 -4.44
N GLU A 276 19.27 -21.13 -4.67
CA GLU A 276 19.54 -20.20 -3.58
C GLU A 276 18.48 -20.25 -2.49
N HIS A 277 17.21 -20.23 -2.89
CA HIS A 277 16.14 -20.27 -1.90
C HIS A 277 16.27 -21.48 -1.00
N ASN A 278 16.41 -22.66 -1.61
CA ASN A 278 16.53 -23.89 -0.82
C ASN A 278 17.77 -23.88 0.07
N ARG A 279 18.83 -23.22 -0.39
CA ARG A 279 20.07 -23.14 0.38
C ARG A 279 19.84 -22.30 1.63
N VAL A 280 19.16 -21.17 1.48
CA VAL A 280 18.86 -20.31 2.62
C VAL A 280 18.00 -21.08 3.61
N CYS A 281 17.08 -21.90 3.13
CA CYS A 281 16.24 -22.68 4.03
C CYS A 281 17.10 -23.57 4.94
N ASP A 282 18.16 -24.15 4.38
CA ASP A 282 19.06 -24.98 5.16
C ASP A 282 19.74 -24.15 6.25
N LEU A 283 20.46 -23.10 5.87
CA LEU A 283 21.12 -22.23 6.84
C LEU A 283 20.14 -21.86 7.94
N LEU A 284 18.91 -21.54 7.55
CA LEU A 284 17.88 -21.16 8.51
C LEU A 284 17.54 -22.28 9.48
N LYS A 285 17.08 -23.42 8.96
CA LYS A 285 16.70 -24.54 9.81
C LYS A 285 17.78 -24.83 10.83
N ALA A 286 19.04 -24.63 10.45
CA ALA A 286 20.14 -24.88 11.35
C ALA A 286 20.06 -23.94 12.55
N GLU A 287 19.77 -22.67 12.27
CA GLU A 287 19.66 -21.67 13.31
C GLU A 287 18.37 -21.79 14.11
N HIS A 288 17.29 -22.21 13.47
CA HIS A 288 16.00 -22.32 14.16
C HIS A 288 15.31 -23.66 14.03
N PRO A 289 15.78 -24.66 14.78
CA PRO A 289 15.16 -25.98 14.71
C PRO A 289 13.67 -26.02 15.08
N THR A 290 13.18 -25.07 15.86
CA THR A 290 11.76 -25.09 16.22
C THR A 290 10.84 -24.55 15.12
N TRP A 291 11.42 -23.94 14.09
CA TRP A 291 10.63 -23.38 12.99
C TRP A 291 9.97 -24.40 12.08
N GLY A 292 8.74 -24.08 11.68
CA GLY A 292 8.01 -24.95 10.79
C GLY A 292 8.39 -24.64 9.35
N ASP A 293 7.60 -25.18 8.44
CA ASP A 293 7.82 -25.02 7.02
C ASP A 293 7.49 -23.60 6.54
N GLU A 294 6.36 -23.06 7.01
CA GLU A 294 5.93 -21.71 6.62
C GLU A 294 6.94 -20.62 6.95
N GLN A 295 7.32 -20.53 8.22
CA GLN A 295 8.27 -19.50 8.63
C GLN A 295 9.60 -19.64 7.91
N LEU A 296 10.00 -20.88 7.61
CA LEU A 296 11.26 -21.09 6.91
C LEU A 296 11.10 -20.56 5.49
N PHE A 297 9.98 -20.90 4.86
CA PHE A 297 9.74 -20.45 3.50
C PHE A 297 9.60 -18.94 3.41
N GLN A 298 8.78 -18.36 4.28
CA GLN A 298 8.55 -16.93 4.28
C GLN A 298 9.83 -16.16 4.55
N THR A 299 10.57 -16.60 5.56
CA THR A 299 11.81 -15.93 5.94
C THR A 299 12.83 -16.00 4.82
N ALA A 300 12.88 -17.14 4.14
CA ALA A 300 13.84 -17.31 3.06
C ALA A 300 13.48 -16.39 1.91
N ARG A 301 12.17 -16.18 1.71
CA ARG A 301 11.71 -15.30 0.64
C ARG A 301 12.20 -13.88 0.90
N LEU A 302 12.02 -13.41 2.14
CA LEU A 302 12.47 -12.08 2.50
C LEU A 302 13.97 -11.90 2.25
N ILE A 303 14.75 -12.88 2.67
CA ILE A 303 16.20 -12.82 2.47
C ILE A 303 16.56 -12.72 0.98
N LEU A 304 15.89 -13.50 0.15
CA LEU A 304 16.18 -13.47 -1.28
C LEU A 304 15.79 -12.11 -1.88
N ILE A 305 14.68 -11.55 -1.41
CA ILE A 305 14.28 -10.25 -1.92
C ILE A 305 15.42 -9.29 -1.61
N GLY A 306 15.97 -9.42 -0.40
CA GLY A 306 17.06 -8.58 0.04
C GLY A 306 18.29 -8.75 -0.82
N GLU A 307 18.64 -10.00 -1.11
CA GLU A 307 19.80 -10.26 -1.94
C GLU A 307 19.62 -9.56 -3.27
N THR A 308 18.44 -9.76 -3.86
CA THR A 308 18.08 -9.19 -5.14
C THR A 308 18.30 -7.69 -5.19
N ILE A 309 17.74 -6.97 -4.22
CA ILE A 309 17.89 -5.53 -4.19
C ILE A 309 19.36 -5.15 -4.02
N LYS A 310 20.04 -5.89 -3.15
CA LYS A 310 21.46 -5.68 -2.89
C LYS A 310 22.28 -5.76 -4.18
N ILE A 311 22.06 -6.83 -4.94
CA ILE A 311 22.81 -7.02 -6.18
C ILE A 311 22.39 -6.08 -7.30
N VAL A 312 21.13 -5.69 -7.34
CA VAL A 312 20.68 -4.80 -8.41
C VAL A 312 21.28 -3.40 -8.27
N ILE A 313 21.39 -2.92 -7.04
CA ILE A 313 21.95 -1.61 -6.79
C ILE A 313 23.46 -1.54 -6.87
N GLU A 314 24.14 -2.45 -6.19
CA GLU A 314 25.60 -2.44 -6.16
C GLU A 314 26.37 -3.12 -7.29
N GLU A 315 25.65 -3.74 -8.22
CA GLU A 315 26.30 -4.40 -9.34
C GLU A 315 25.56 -4.13 -10.64
N TYR A 316 24.26 -4.43 -10.66
CA TYR A 316 23.44 -4.21 -11.85
C TYR A 316 23.53 -2.74 -12.22
N VAL A 317 22.96 -1.88 -11.38
CA VAL A 317 22.97 -0.46 -11.65
C VAL A 317 24.41 0.09 -11.75
N GLN A 318 25.33 -0.46 -10.96
CA GLN A 318 26.70 0.00 -11.03
C GLN A 318 27.25 -0.20 -12.44
N GLN A 319 26.96 -1.36 -13.03
CA GLN A 319 27.45 -1.65 -14.39
C GLN A 319 26.84 -0.71 -15.42
N LEU A 320 25.54 -0.49 -15.26
CA LEU A 320 24.79 0.38 -16.14
C LEU A 320 25.29 1.81 -16.15
N SER A 321 25.37 2.40 -14.96
CA SER A 321 25.80 3.79 -14.80
C SER A 321 27.25 4.03 -15.18
N GLY A 322 28.11 3.06 -14.87
CA GLY A 322 29.53 3.22 -15.14
C GLY A 322 30.13 4.32 -14.27
N TYR A 323 29.48 4.62 -13.14
CA TYR A 323 29.95 5.66 -12.22
C TYR A 323 31.17 5.24 -11.40
N PHE A 324 32.01 6.22 -11.07
CA PHE A 324 33.19 5.94 -10.26
C PHE A 324 32.71 5.97 -8.82
N LEU A 325 31.49 6.48 -8.64
CA LEU A 325 30.88 6.53 -7.31
C LEU A 325 30.36 5.13 -7.04
N GLN A 326 30.74 4.53 -5.92
CA GLN A 326 30.25 3.19 -5.64
C GLN A 326 28.87 3.23 -4.99
N LEU A 327 27.85 2.89 -5.78
CA LEU A 327 26.48 2.87 -5.28
C LEU A 327 26.44 1.96 -4.06
N LYS A 328 25.48 2.22 -3.17
CA LYS A 328 25.38 1.43 -1.95
C LYS A 328 23.94 1.09 -1.61
N PHE A 329 23.74 -0.12 -1.12
CA PHE A 329 22.41 -0.51 -0.70
C PHE A 329 22.35 -0.52 0.81
N ASP A 330 21.71 0.50 1.36
CA ASP A 330 21.58 0.60 2.81
C ASP A 330 20.33 1.39 3.10
N PRO A 331 19.22 0.69 3.36
CA PRO A 331 17.93 1.31 3.65
C PRO A 331 18.03 2.42 4.70
N GLU A 332 18.95 2.30 5.63
CA GLU A 332 19.07 3.30 6.67
C GLU A 332 19.37 4.70 6.15
N LEU A 333 19.88 4.78 4.93
CA LEU A 333 20.19 6.09 4.38
C LEU A 333 18.93 6.96 4.25
N LEU A 334 17.76 6.33 4.22
CA LEU A 334 16.51 7.09 4.08
C LEU A 334 15.73 7.23 5.37
N PHE A 335 16.26 6.66 6.44
CA PHE A 335 15.57 6.73 7.73
C PHE A 335 15.37 8.13 8.27
N GLY A 336 16.09 9.11 7.73
CA GLY A 336 15.91 10.47 8.18
C GLY A 336 15.08 11.27 7.18
N ALA A 337 14.67 10.61 6.10
CA ALA A 337 13.90 11.28 5.05
C ALA A 337 12.40 10.98 5.10
N GLN A 338 11.66 11.75 4.30
CA GLN A 338 10.23 11.59 4.17
C GLN A 338 10.17 10.71 2.93
N PHE A 339 9.78 9.45 3.12
CA PHE A 339 9.76 8.49 2.03
C PHE A 339 8.63 7.48 2.17
N GLN A 340 7.88 7.27 1.10
CA GLN A 340 6.79 6.29 1.16
C GLN A 340 7.29 4.93 0.71
N TYR A 341 7.29 3.95 1.62
CA TYR A 341 7.76 2.59 1.31
C TYR A 341 6.75 1.75 0.53
N ARG A 342 6.35 2.26 -0.63
CA ARG A 342 5.42 1.55 -1.50
C ARG A 342 5.85 1.89 -2.94
N ASN A 343 5.25 1.21 -3.90
CA ASN A 343 5.58 1.45 -5.29
C ASN A 343 4.56 0.85 -6.23
N ARG A 344 4.34 1.51 -7.36
CA ARG A 344 3.40 1.02 -8.33
C ARG A 344 4.09 1.12 -9.70
N ILE A 345 4.11 0.02 -10.45
CA ILE A 345 4.76 0.04 -11.76
C ILE A 345 4.00 0.90 -12.76
N ALA A 346 4.73 1.71 -13.50
CA ALA A 346 4.17 2.59 -14.50
C ALA A 346 4.32 2.02 -15.92
N MET A 347 3.34 2.30 -16.77
CA MET A 347 3.41 1.84 -18.14
C MET A 347 4.64 2.45 -18.84
N GLU A 348 5.02 3.67 -18.44
CA GLU A 348 6.17 4.32 -19.05
C GLU A 348 7.47 3.60 -18.70
N PHE A 349 7.55 3.11 -17.48
CA PHE A 349 8.71 2.36 -17.03
C PHE A 349 8.74 1.03 -17.81
N ASN A 350 7.57 0.48 -18.11
CA ASN A 350 7.50 -0.77 -18.87
C ASN A 350 8.06 -0.56 -20.27
N GLN A 351 7.57 0.47 -20.95
CA GLN A 351 8.01 0.83 -22.30
C GLN A 351 9.53 1.03 -22.26
N LEU A 352 9.97 1.93 -21.40
CA LEU A 352 11.38 2.27 -21.23
C LEU A 352 12.30 1.06 -21.05
N TYR A 353 11.83 0.05 -20.34
CA TYR A 353 12.64 -1.14 -20.08
C TYR A 353 12.70 -2.20 -21.19
N HIS A 354 12.27 -1.86 -22.40
CA HIS A 354 12.34 -2.85 -23.49
C HIS A 354 13.74 -2.75 -24.08
N TRP A 355 14.68 -3.46 -23.46
CA TRP A 355 16.06 -3.43 -23.90
C TRP A 355 16.46 -4.55 -24.84
N HIS A 356 15.62 -4.81 -25.84
CA HIS A 356 15.90 -5.88 -26.77
C HIS A 356 17.20 -5.74 -27.57
N PRO A 357 17.69 -4.50 -27.74
CA PRO A 357 18.94 -4.35 -28.49
C PRO A 357 20.08 -5.14 -27.82
N LEU A 358 19.92 -5.44 -26.53
CA LEU A 358 20.94 -6.18 -25.82
C LEU A 358 21.20 -7.54 -26.43
N MET A 359 20.16 -8.17 -26.98
CA MET A 359 20.33 -9.50 -27.56
C MET A 359 21.28 -9.52 -28.77
N PRO A 360 22.13 -10.56 -28.82
CA PRO A 360 23.14 -10.79 -29.87
C PRO A 360 22.59 -11.33 -31.18
N ASP A 361 23.48 -11.47 -32.17
CA ASP A 361 23.09 -12.00 -33.48
C ASP A 361 22.83 -13.50 -33.33
N SER A 362 23.53 -14.12 -32.39
CA SER A 362 23.40 -15.54 -32.11
C SER A 362 24.04 -15.78 -30.73
N PHE A 363 23.75 -16.92 -30.12
CA PHE A 363 24.26 -17.22 -28.79
C PHE A 363 25.41 -18.21 -28.77
N ARG A 364 26.60 -17.70 -28.45
CA ARG A 364 27.79 -18.54 -28.44
C ARG A 364 28.03 -19.22 -27.10
N VAL A 365 28.15 -20.54 -27.17
CA VAL A 365 28.41 -21.35 -25.98
C VAL A 365 29.59 -22.25 -26.31
N GLY A 366 30.77 -21.85 -25.84
CA GLY A 366 31.97 -22.62 -26.09
C GLY A 366 32.28 -22.63 -27.58
N PRO A 367 32.60 -23.80 -28.13
CA PRO A 367 32.90 -23.86 -29.56
C PRO A 367 31.64 -23.75 -30.40
N GLN A 368 30.49 -23.92 -29.76
CA GLN A 368 29.21 -23.84 -30.46
C GLN A 368 28.62 -22.44 -30.58
N ASP A 369 27.93 -22.19 -31.68
CA ASP A 369 27.31 -20.90 -31.94
C ASP A 369 25.86 -21.11 -32.37
N TYR A 370 24.94 -21.04 -31.41
CA TYR A 370 23.52 -21.26 -31.66
C TYR A 370 22.77 -20.06 -32.22
N SER A 371 21.83 -20.35 -33.10
CA SER A 371 21.01 -19.31 -33.72
C SER A 371 19.75 -19.15 -32.88
N TYR A 372 18.95 -18.13 -33.18
CA TYR A 372 17.72 -17.89 -32.46
C TYR A 372 16.79 -19.09 -32.59
N GLU A 373 16.76 -19.69 -33.78
CA GLU A 373 15.90 -20.84 -34.03
C GLU A 373 16.25 -22.05 -33.16
N GLN A 374 17.52 -22.17 -32.80
CA GLN A 374 17.98 -23.29 -31.96
C GLN A 374 17.93 -22.93 -30.48
N PHE A 375 17.97 -21.64 -30.20
CA PHE A 375 17.98 -21.17 -28.83
C PHE A 375 16.63 -20.97 -28.17
N LEU A 376 15.68 -20.39 -28.90
CA LEU A 376 14.38 -20.08 -28.32
C LEU A 376 13.52 -21.11 -27.58
N PHE A 377 13.02 -22.15 -28.23
CA PHE A 377 12.19 -23.07 -27.49
C PHE A 377 12.93 -24.34 -27.09
N ASN A 378 14.23 -24.20 -26.92
CA ASN A 378 15.10 -25.32 -26.55
C ASN A 378 14.72 -25.91 -25.20
N THR A 379 14.32 -27.18 -25.21
CA THR A 379 13.90 -27.85 -23.99
C THR A 379 15.00 -28.60 -23.24
N SER A 380 16.24 -28.49 -23.68
CA SER A 380 17.33 -29.20 -23.01
C SER A 380 18.68 -28.51 -22.92
N MET A 381 18.84 -27.35 -23.57
CA MET A 381 20.13 -26.67 -23.52
C MET A 381 20.57 -26.37 -22.10
N LEU A 382 19.63 -26.01 -21.24
CA LEU A 382 19.97 -25.72 -19.86
C LEU A 382 20.59 -26.96 -19.22
N VAL A 383 19.86 -28.07 -19.24
CA VAL A 383 20.35 -29.30 -18.63
C VAL A 383 21.58 -29.90 -19.35
N ASP A 384 21.65 -29.72 -20.67
CA ASP A 384 22.79 -30.26 -21.40
C ASP A 384 24.09 -29.66 -20.82
N TYR A 385 24.15 -28.33 -20.75
CA TYR A 385 25.34 -27.66 -20.25
C TYR A 385 25.43 -27.46 -18.75
N GLY A 386 24.29 -27.44 -18.06
CA GLY A 386 24.33 -27.22 -16.63
C GLY A 386 24.52 -25.72 -16.36
N VAL A 387 24.24 -25.30 -15.13
CA VAL A 387 24.34 -23.89 -14.77
C VAL A 387 25.67 -23.19 -15.05
N GLU A 388 26.74 -23.65 -14.42
CA GLU A 388 28.07 -23.05 -14.58
C GLU A 388 28.42 -22.70 -16.03
N ALA A 389 28.39 -23.70 -16.90
CA ALA A 389 28.72 -23.52 -18.32
C ALA A 389 27.99 -22.36 -19.01
N LEU A 390 26.67 -22.35 -18.90
CA LEU A 390 25.88 -21.30 -19.51
C LEU A 390 26.23 -19.94 -18.90
N VAL A 391 26.59 -19.95 -17.62
CA VAL A 391 26.95 -18.70 -16.96
C VAL A 391 28.27 -18.19 -17.50
N ASP A 392 29.22 -19.09 -17.73
CA ASP A 392 30.52 -18.68 -18.25
C ASP A 392 30.36 -18.11 -19.67
N ALA A 393 29.53 -18.76 -20.47
CA ALA A 393 29.27 -18.32 -21.84
C ALA A 393 28.60 -16.95 -21.89
N PHE A 394 27.47 -16.80 -21.22
CA PHE A 394 26.76 -15.52 -21.21
C PHE A 394 27.61 -14.40 -20.63
N SER A 395 28.44 -14.74 -19.65
CA SER A 395 29.30 -13.75 -19.02
C SER A 395 30.40 -13.28 -19.98
N ARG A 396 30.72 -14.10 -20.99
CA ARG A 396 31.78 -13.74 -21.94
C ARG A 396 31.27 -13.10 -23.23
N GLN A 397 29.99 -13.27 -23.56
CA GLN A 397 29.47 -12.68 -24.81
C GLN A 397 28.91 -11.30 -24.60
N PRO A 398 29.42 -10.32 -25.35
CA PRO A 398 28.95 -8.95 -25.23
C PRO A 398 27.51 -8.80 -25.67
N ALA A 399 26.83 -7.85 -25.05
CA ALA A 399 25.45 -7.55 -25.38
C ALA A 399 25.50 -6.31 -26.27
N GLY A 400 24.44 -6.04 -26.99
CA GLY A 400 24.43 -4.88 -27.86
C GLY A 400 24.19 -3.57 -27.12
N ARG A 401 24.61 -2.48 -27.74
CA ARG A 401 24.39 -1.17 -27.15
C ARG A 401 22.89 -0.97 -27.21
N ILE A 402 22.31 -0.35 -26.19
CA ILE A 402 20.89 -0.11 -26.16
C ILE A 402 20.49 1.14 -26.93
N GLY A 403 21.24 2.23 -26.75
CA GLY A 403 20.88 3.44 -27.46
C GLY A 403 21.64 3.71 -28.76
N GLY A 404 21.25 4.76 -29.46
CA GLY A 404 21.93 5.10 -30.69
C GLY A 404 21.22 4.61 -31.93
N GLY A 405 20.28 3.69 -31.75
CA GLY A 405 19.51 3.15 -32.86
C GLY A 405 20.11 2.01 -33.66
N ARG A 406 19.28 1.52 -34.58
CA ARG A 406 19.62 0.43 -35.49
C ARG A 406 20.47 -0.67 -34.85
N ASN A 407 19.98 -1.27 -33.78
CA ASN A 407 20.73 -2.35 -33.14
C ASN A 407 19.85 -3.46 -32.55
N ILE A 408 18.65 -3.61 -33.08
CA ILE A 408 17.76 -4.67 -32.64
C ILE A 408 17.79 -5.77 -33.69
N ASP A 409 18.12 -6.99 -33.27
CA ASP A 409 18.16 -8.12 -34.19
C ASP A 409 16.77 -8.29 -34.83
N HIS A 410 16.74 -8.60 -36.12
CA HIS A 410 15.47 -8.76 -36.84
C HIS A 410 14.60 -9.88 -36.25
N HIS A 411 15.23 -10.87 -35.63
CA HIS A 411 14.49 -11.97 -35.03
C HIS A 411 13.47 -11.49 -34.00
N ILE A 412 13.76 -10.38 -33.32
CA ILE A 412 12.86 -9.88 -32.30
C ILE A 412 12.31 -8.47 -32.51
N LEU A 413 12.67 -7.86 -33.64
CA LEU A 413 12.21 -6.51 -33.98
C LEU A 413 10.70 -6.31 -33.80
N HIS A 414 9.92 -7.38 -33.94
CA HIS A 414 8.45 -7.24 -33.84
C HIS A 414 8.02 -6.68 -32.49
N VAL A 415 8.77 -7.01 -31.44
CA VAL A 415 8.48 -6.49 -30.12
C VAL A 415 8.49 -4.96 -30.15
N ALA A 416 9.50 -4.38 -30.78
CA ALA A 416 9.61 -2.91 -30.88
C ALA A 416 8.40 -2.30 -31.60
N VAL A 417 7.98 -2.95 -32.68
CA VAL A 417 6.83 -2.48 -33.44
C VAL A 417 5.62 -2.48 -32.52
N ASP A 418 5.45 -3.57 -31.79
CA ASP A 418 4.33 -3.66 -30.86
C ASP A 418 4.47 -2.66 -29.73
N VAL A 419 5.69 -2.40 -29.30
CA VAL A 419 5.90 -1.42 -28.23
C VAL A 419 5.42 -0.06 -28.71
N ILE A 420 5.69 0.25 -29.97
CA ILE A 420 5.25 1.53 -30.53
C ILE A 420 3.72 1.56 -30.66
N LYS A 421 3.14 0.56 -31.33
CA LYS A 421 1.70 0.49 -31.48
C LYS A 421 0.99 0.61 -30.13
N GLU A 422 1.46 -0.14 -29.14
CA GLU A 422 0.84 -0.08 -27.80
C GLU A 422 0.90 1.36 -27.26
N SER A 423 2.06 1.99 -27.41
CA SER A 423 2.27 3.36 -26.97
C SER A 423 1.11 4.24 -27.43
N ARG A 424 0.69 4.04 -28.68
CA ARG A 424 -0.40 4.84 -29.22
C ARG A 424 -1.73 4.39 -28.63
N VAL A 425 -1.86 3.13 -28.24
CA VAL A 425 -3.10 2.69 -27.65
C VAL A 425 -3.15 3.34 -26.28
N LEU A 426 -2.04 3.29 -25.56
CA LEU A 426 -1.96 3.89 -24.23
C LEU A 426 -2.06 5.40 -24.36
N ARG A 427 -1.75 5.90 -25.55
CA ARG A 427 -1.76 7.34 -25.83
C ARG A 427 -0.73 8.08 -24.97
N LEU A 428 0.47 7.52 -24.92
CA LEU A 428 1.57 8.11 -24.16
C LEU A 428 1.84 9.51 -24.71
N GLN A 429 2.09 10.47 -23.84
CA GLN A 429 2.36 11.84 -24.27
C GLN A 429 3.69 11.91 -25.02
N PRO A 430 3.92 13.00 -25.77
CA PRO A 430 5.18 13.08 -26.50
C PRO A 430 6.45 13.09 -25.66
N PHE A 431 7.52 12.56 -26.25
CA PHE A 431 8.83 12.49 -25.63
C PHE A 431 9.26 13.80 -24.95
N ASN A 432 9.07 14.94 -25.61
CA ASN A 432 9.47 16.20 -24.99
C ASN A 432 8.65 16.52 -23.74
N GLU A 433 7.40 16.10 -23.72
CA GLU A 433 6.62 16.36 -22.53
C GLU A 433 7.21 15.52 -21.39
N TYR A 434 7.78 14.36 -21.71
CA TYR A 434 8.37 13.51 -20.68
C TYR A 434 9.76 14.01 -20.31
N ARG A 435 10.43 14.64 -21.28
CA ARG A 435 11.76 15.17 -21.00
C ARG A 435 11.54 16.16 -19.86
N LYS A 436 10.56 17.03 -20.02
CA LYS A 436 10.26 18.04 -19.01
C LYS A 436 9.83 17.47 -17.66
N ARG A 437 8.89 16.53 -17.68
CA ARG A 437 8.40 15.90 -16.46
C ARG A 437 9.54 15.28 -15.64
N PHE A 438 10.67 15.02 -16.28
CA PHE A 438 11.80 14.43 -15.59
C PHE A 438 13.00 15.39 -15.45
N GLY A 439 12.68 16.67 -15.38
CA GLY A 439 13.68 17.71 -15.21
C GLY A 439 14.61 18.05 -16.35
N MET A 440 14.23 17.79 -17.60
CA MET A 440 15.09 18.10 -18.74
C MET A 440 14.45 19.06 -19.73
N LYS A 441 15.27 19.85 -20.42
CA LYS A 441 14.73 20.76 -21.41
C LYS A 441 14.32 19.94 -22.64
N PRO A 442 13.20 20.31 -23.28
CA PRO A 442 12.76 19.57 -24.47
C PRO A 442 13.72 19.78 -25.64
N TYR A 443 13.82 18.80 -26.52
CA TYR A 443 14.70 18.95 -27.67
C TYR A 443 14.04 19.92 -28.64
N THR A 444 14.83 20.83 -29.20
CA THR A 444 14.29 21.82 -30.13
C THR A 444 14.31 21.34 -31.56
N SER A 445 14.98 20.22 -31.81
CA SER A 445 15.05 19.67 -33.16
C SER A 445 15.63 18.27 -33.16
N PHE A 446 15.34 17.52 -34.22
CA PHE A 446 15.84 16.15 -34.33
C PHE A 446 17.35 16.07 -34.38
N GLN A 447 17.99 17.03 -35.06
CA GLN A 447 19.44 17.02 -35.11
C GLN A 447 19.95 17.17 -33.69
N GLU A 448 19.25 17.95 -32.88
CA GLU A 448 19.69 18.11 -31.50
C GLU A 448 19.57 16.75 -30.80
N LEU A 449 18.45 16.07 -31.03
CA LEU A 449 18.18 14.74 -30.46
C LEU A 449 19.25 13.72 -30.89
N THR A 450 19.43 13.57 -32.19
CA THR A 450 20.39 12.64 -32.74
C THR A 450 21.67 13.41 -33.05
N GLY A 451 22.75 13.11 -32.34
CA GLY A 451 23.97 13.84 -32.59
C GLY A 451 24.34 14.07 -34.05
N GLU A 452 23.58 13.50 -34.97
CA GLU A 452 23.87 13.63 -36.39
C GLU A 452 22.87 14.45 -37.23
N LYS A 453 22.91 14.24 -38.54
CA LYS A 453 22.03 14.96 -39.45
C LYS A 453 21.22 14.07 -40.40
N GLU A 454 21.67 12.85 -40.65
CA GLU A 454 20.97 11.95 -41.58
C GLU A 454 19.64 11.39 -41.08
N MET A 455 19.65 10.64 -39.99
CA MET A 455 18.40 10.11 -39.44
C MET A 455 17.53 11.27 -39.00
N ALA A 456 18.17 12.32 -38.49
CA ALA A 456 17.45 13.51 -38.05
C ALA A 456 16.60 14.08 -39.18
N ALA A 457 17.14 14.10 -40.39
CA ALA A 457 16.39 14.63 -41.53
C ALA A 457 15.18 13.74 -41.85
N GLU A 458 15.40 12.44 -41.86
CA GLU A 458 14.32 11.51 -42.15
C GLU A 458 13.27 11.57 -41.05
N LEU A 459 13.70 11.50 -39.80
CA LEU A 459 12.74 11.58 -38.70
C LEU A 459 11.96 12.88 -38.80
N GLU A 460 12.65 13.97 -39.16
CA GLU A 460 11.97 15.25 -39.28
C GLU A 460 10.88 15.18 -40.34
N GLU A 461 11.18 14.49 -41.44
CA GLU A 461 10.23 14.36 -42.54
C GLU A 461 9.03 13.53 -42.11
N LEU A 462 9.29 12.39 -41.49
CA LEU A 462 8.24 11.50 -41.02
C LEU A 462 7.32 12.13 -39.96
N TYR A 463 7.90 12.66 -38.89
CA TYR A 463 7.10 13.27 -37.82
C TYR A 463 6.68 14.71 -38.06
N GLY A 464 7.46 15.45 -38.84
CA GLY A 464 7.13 16.84 -39.09
C GLY A 464 7.58 17.76 -37.97
N ASP A 465 7.40 17.34 -36.72
CA ASP A 465 7.80 18.16 -35.59
C ASP A 465 8.43 17.36 -34.44
N ILE A 466 9.52 17.89 -33.91
CA ILE A 466 10.23 17.26 -32.80
C ILE A 466 9.26 16.98 -31.65
N ASP A 467 8.32 17.90 -31.44
CA ASP A 467 7.32 17.75 -30.37
C ASP A 467 6.32 16.63 -30.61
N ALA A 468 6.37 16.01 -31.79
CA ALA A 468 5.46 14.92 -32.08
C ALA A 468 6.16 13.59 -31.84
N LEU A 469 7.48 13.64 -31.67
CA LEU A 469 8.27 12.44 -31.41
C LEU A 469 7.74 11.68 -30.18
N GLU A 470 7.49 10.38 -30.36
CA GLU A 470 6.96 9.51 -29.30
C GLU A 470 7.99 9.04 -28.29
N PHE A 471 7.51 8.73 -27.09
CA PHE A 471 8.33 8.27 -25.96
C PHE A 471 9.44 7.24 -26.25
N TYR A 472 9.06 6.02 -26.63
CA TYR A 472 10.03 4.95 -26.89
C TYR A 472 11.06 5.27 -27.99
N PRO A 473 10.60 5.62 -29.20
CA PRO A 473 11.58 5.93 -30.24
C PRO A 473 12.59 6.98 -29.77
N GLY A 474 12.10 7.93 -28.98
CA GLY A 474 12.96 8.97 -28.45
C GLY A 474 14.04 8.39 -27.56
N LEU A 475 13.65 7.53 -26.63
CA LEU A 475 14.63 6.93 -25.74
C LEU A 475 15.69 6.16 -26.52
N LEU A 476 15.25 5.37 -27.49
CA LEU A 476 16.17 4.55 -28.30
C LEU A 476 16.94 5.26 -29.41
N LEU A 477 16.50 6.44 -29.83
CA LEU A 477 17.19 7.17 -30.89
C LEU A 477 17.98 8.37 -30.37
N GLU A 478 17.90 8.65 -29.07
CA GLU A 478 18.61 9.77 -28.50
C GLU A 478 20.12 9.56 -28.61
N LYS A 479 20.89 10.63 -28.75
CA LYS A 479 22.34 10.49 -28.83
C LYS A 479 22.89 10.01 -27.48
N CYS A 480 23.78 9.04 -27.54
CA CYS A 480 24.35 8.47 -26.33
C CYS A 480 25.52 9.25 -25.78
N HIS A 481 25.70 9.15 -24.47
CA HIS A 481 26.80 9.79 -23.80
C HIS A 481 28.06 9.13 -24.40
N PRO A 482 29.23 9.77 -24.27
CA PRO A 482 30.50 9.25 -24.81
C PRO A 482 30.55 7.74 -25.14
N ASN A 483 30.98 6.94 -24.16
CA ASN A 483 31.07 5.50 -24.35
C ASN A 483 30.01 4.82 -23.50
N SER A 484 28.78 5.31 -23.61
CA SER A 484 27.68 4.76 -22.83
C SER A 484 26.79 3.80 -23.59
N ILE A 485 26.07 2.99 -22.82
CA ILE A 485 25.16 2.00 -23.36
C ILE A 485 23.91 2.70 -23.89
N PHE A 486 23.68 3.94 -23.45
CA PHE A 486 22.55 4.73 -23.94
C PHE A 486 22.65 6.21 -23.62
N GLY A 487 21.57 6.94 -23.90
CA GLY A 487 21.57 8.37 -23.67
C GLY A 487 21.15 8.80 -22.29
N GLU A 488 21.22 10.11 -22.04
CA GLU A 488 20.87 10.66 -20.74
C GLU A 488 19.40 10.44 -20.38
N SER A 489 18.50 10.55 -21.36
CA SER A 489 17.08 10.36 -21.06
C SER A 489 16.81 8.97 -20.46
N MET A 490 17.47 7.94 -20.98
CA MET A 490 17.27 6.61 -20.44
C MET A 490 17.69 6.62 -18.96
N ILE A 491 18.63 7.49 -18.61
CA ILE A 491 19.12 7.59 -17.23
C ILE A 491 18.26 8.49 -16.36
N GLU A 492 17.97 9.70 -16.85
CA GLU A 492 17.17 10.66 -16.10
C GLU A 492 15.71 10.29 -15.91
N MET A 493 15.21 9.37 -16.73
CA MET A 493 13.83 8.93 -16.63
C MET A 493 13.79 7.57 -15.96
N GLY A 494 14.75 6.72 -16.30
CA GLY A 494 14.80 5.37 -15.73
C GLY A 494 15.19 5.31 -14.27
N ALA A 495 16.17 6.13 -13.88
CA ALA A 495 16.66 6.13 -12.51
C ALA A 495 15.58 6.29 -11.43
N PRO A 496 14.69 7.29 -11.57
CA PRO A 496 13.63 7.50 -10.58
C PRO A 496 12.70 6.30 -10.40
N PHE A 497 12.36 5.64 -11.51
CA PHE A 497 11.49 4.46 -11.46
C PHE A 497 12.25 3.35 -10.73
N SER A 498 13.46 3.06 -11.20
CA SER A 498 14.25 2.00 -10.62
C SER A 498 14.46 2.13 -9.12
N LEU A 499 15.14 3.21 -8.73
CA LEU A 499 15.43 3.45 -7.31
C LEU A 499 14.18 3.51 -6.44
N LYS A 500 13.11 4.11 -6.93
CA LYS A 500 11.88 4.14 -6.15
C LYS A 500 11.40 2.69 -5.98
N GLY A 501 11.54 1.92 -7.06
CA GLY A 501 11.12 0.52 -7.06
C GLY A 501 11.94 -0.35 -6.14
N LEU A 502 13.23 -0.05 -6.01
CA LEU A 502 14.10 -0.81 -5.14
C LEU A 502 13.92 -0.41 -3.67
N LEU A 503 13.95 0.89 -3.38
CA LEU A 503 13.80 1.33 -2.01
C LEU A 503 12.34 1.41 -1.54
N GLY A 504 11.41 1.43 -2.48
CA GLY A 504 10.00 1.50 -2.12
C GLY A 504 9.41 0.15 -1.74
N ASN A 505 10.29 -0.74 -1.31
CA ASN A 505 9.89 -2.08 -0.93
C ASN A 505 9.80 -2.10 0.59
N PRO A 506 8.73 -2.68 1.16
CA PRO A 506 8.62 -2.69 2.62
C PRO A 506 9.82 -3.23 3.40
N ILE A 507 10.59 -4.19 2.87
CA ILE A 507 11.72 -4.69 3.64
C ILE A 507 12.75 -3.59 3.88
N CYS A 508 12.62 -2.47 3.16
CA CYS A 508 13.54 -1.36 3.34
C CYS A 508 13.01 -0.35 4.36
N SER A 509 11.85 -0.64 4.95
CA SER A 509 11.28 0.29 5.91
C SER A 509 11.88 0.03 7.30
N PRO A 510 11.94 1.07 8.15
CA PRO A 510 12.48 0.92 9.50
C PRO A 510 11.77 -0.21 10.24
N GLU A 511 10.48 -0.38 9.95
CA GLU A 511 9.71 -1.43 10.60
C GLU A 511 10.19 -2.84 10.24
N TYR A 512 10.68 -3.01 9.01
CA TYR A 512 11.14 -4.32 8.54
C TYR A 512 12.64 -4.56 8.59
N TRP A 513 13.42 -3.53 8.27
CA TRP A 513 14.87 -3.66 8.24
C TRP A 513 15.45 -3.91 9.65
N LYS A 514 15.16 -5.10 10.15
CA LYS A 514 15.60 -5.56 11.47
C LYS A 514 16.19 -6.93 11.24
N ALA A 515 17.16 -7.31 12.08
CA ALA A 515 17.76 -8.62 11.93
C ALA A 515 16.67 -9.68 12.12
N SER A 516 15.81 -9.50 13.12
CA SER A 516 14.77 -10.50 13.38
C SER A 516 13.87 -10.76 12.17
N THR A 517 13.72 -9.77 11.31
CA THR A 517 12.90 -9.95 10.12
C THR A 517 13.45 -11.06 9.24
N PHE A 518 14.77 -11.23 9.24
CA PHE A 518 15.44 -12.25 8.42
C PHE A 518 15.95 -13.45 9.20
N GLY A 519 15.33 -13.73 10.35
CA GLY A 519 15.73 -14.87 11.16
C GLY A 519 17.06 -14.72 11.91
N GLY A 520 17.48 -13.49 12.14
CA GLY A 520 18.71 -13.28 12.87
C GLY A 520 19.84 -12.66 12.08
N GLU A 521 20.94 -12.46 12.78
CA GLU A 521 22.15 -11.87 12.23
C GLU A 521 22.60 -12.65 10.99
N VAL A 522 22.41 -13.95 11.03
CA VAL A 522 22.82 -14.81 9.92
C VAL A 522 22.07 -14.46 8.63
N GLY A 523 20.74 -14.40 8.72
CA GLY A 523 19.94 -14.05 7.56
C GLY A 523 20.13 -12.61 7.10
N PHE A 524 20.41 -11.72 8.05
CA PHE A 524 20.61 -10.30 7.75
C PHE A 524 21.90 -10.09 6.99
N ASN A 525 22.94 -10.88 7.29
CA ASN A 525 24.20 -10.73 6.58
C ASN A 525 24.17 -11.30 5.16
N LEU A 526 23.35 -12.33 4.93
CA LEU A 526 23.26 -12.87 3.58
C LEU A 526 22.76 -11.76 2.66
N VAL A 527 21.82 -10.97 3.16
CA VAL A 527 21.27 -9.85 2.41
C VAL A 527 22.33 -8.75 2.25
N LYS A 528 22.95 -8.38 3.36
CA LYS A 528 23.95 -7.30 3.36
C LYS A 528 25.22 -7.55 2.55
N THR A 529 25.59 -8.81 2.34
CA THR A 529 26.81 -9.12 1.61
C THR A 529 26.56 -9.86 0.31
N ALA A 530 25.31 -9.86 -0.17
CA ALA A 530 24.95 -10.56 -1.40
C ALA A 530 25.81 -10.15 -2.61
N THR A 531 26.10 -11.12 -3.47
CA THR A 531 26.92 -10.90 -4.66
C THR A 531 26.49 -11.81 -5.80
N LEU A 532 26.62 -11.32 -7.03
CA LEU A 532 26.26 -12.13 -8.18
C LEU A 532 27.14 -13.39 -8.11
N LYS A 533 28.42 -13.17 -7.83
CA LYS A 533 29.36 -14.28 -7.74
C LYS A 533 28.89 -15.31 -6.70
N LYS A 534 28.62 -14.85 -5.48
CA LYS A 534 28.15 -15.72 -4.41
C LYS A 534 26.83 -16.39 -4.78
N LEU A 535 25.97 -15.67 -5.51
CA LEU A 535 24.67 -16.20 -5.91
C LEU A 535 24.82 -17.41 -6.84
N VAL A 536 25.83 -17.35 -7.71
CA VAL A 536 26.10 -18.42 -8.66
C VAL A 536 26.92 -19.50 -7.99
N CYS A 537 28.17 -19.16 -7.71
CA CYS A 537 29.15 -20.06 -7.12
C CYS A 537 28.84 -20.84 -5.83
N LEU A 538 27.92 -20.33 -5.00
CA LEU A 538 27.56 -21.04 -3.77
C LEU A 538 26.46 -22.06 -4.05
N ASN A 539 26.04 -22.14 -5.31
CA ASN A 539 24.99 -23.07 -5.74
C ASN A 539 25.42 -23.88 -6.97
N THR A 540 26.71 -23.82 -7.30
CA THR A 540 27.26 -24.54 -8.44
C THR A 540 28.46 -25.38 -7.97
N LYS A 541 28.78 -26.42 -8.74
CA LYS A 541 29.90 -27.29 -8.39
C LYS A 541 31.21 -26.55 -8.59
N THR A 542 31.36 -25.96 -9.76
CA THR A 542 32.56 -25.21 -10.08
C THR A 542 32.20 -23.74 -10.26
N CYS A 543 33.13 -22.85 -9.94
CA CYS A 543 32.89 -21.42 -10.06
C CYS A 543 33.47 -20.90 -11.36
N PRO A 544 32.60 -20.53 -12.30
CA PRO A 544 33.05 -20.02 -13.60
C PRO A 544 33.28 -18.52 -13.52
N TYR A 545 33.45 -17.89 -14.67
CA TYR A 545 33.63 -16.44 -14.71
C TYR A 545 32.22 -15.85 -14.66
N VAL A 546 31.91 -15.14 -13.59
CA VAL A 546 30.58 -14.57 -13.44
C VAL A 546 30.63 -13.07 -13.17
N SER A 547 30.03 -12.30 -14.07
CA SER A 547 30.00 -10.85 -13.96
C SER A 547 29.03 -10.23 -14.98
N PHE A 548 28.66 -8.98 -14.75
CA PHE A 548 27.76 -8.27 -15.65
C PHE A 548 28.63 -7.57 -16.69
N HIS A 549 29.94 -7.73 -16.52
CA HIS A 549 30.95 -7.12 -17.37
C HIS A 549 31.69 -8.24 -18.12
N VAL A 550 32.04 -8.00 -19.39
CA VAL A 550 32.78 -8.98 -20.18
C VAL A 550 34.22 -8.96 -19.67
N PRO A 551 34.95 -10.08 -19.74
CA PRO A 551 36.33 -10.04 -19.25
C PRO A 551 37.21 -9.10 -20.09
N VAL B 1 10.03 -25.15 28.60
CA VAL B 1 8.90 -24.42 27.94
C VAL B 1 9.40 -23.31 27.01
N ASN B 2 8.57 -22.96 26.03
CA ASN B 2 8.89 -21.91 25.07
C ASN B 2 9.17 -20.59 25.77
N PRO B 3 10.44 -20.12 25.72
CA PRO B 3 10.78 -18.86 26.38
C PRO B 3 9.94 -17.64 25.98
N CYS B 4 9.54 -17.53 24.73
CA CYS B 4 8.73 -16.38 24.33
C CYS B 4 7.39 -16.29 25.05
N CYS B 5 7.00 -17.36 25.74
CA CYS B 5 5.73 -17.35 26.47
C CYS B 5 5.84 -16.36 27.64
N TYR B 6 7.07 -16.04 28.02
CA TYR B 6 7.30 -15.13 29.12
C TYR B 6 7.30 -13.67 28.64
N TYR B 7 7.02 -13.48 27.36
CA TYR B 7 7.01 -12.14 26.79
C TYR B 7 8.23 -11.41 27.32
N PRO B 8 9.38 -12.10 27.33
CA PRO B 8 10.63 -11.51 27.84
C PRO B 8 11.02 -10.18 27.24
N CYS B 9 10.78 -9.98 25.94
CA CYS B 9 11.19 -8.72 25.32
C CYS B 9 10.29 -7.52 25.62
N GLN B 10 10.89 -6.47 26.20
CA GLN B 10 10.17 -5.26 26.54
C GLN B 10 10.21 -4.21 25.43
N HIS B 11 9.49 -3.12 25.65
CA HIS B 11 9.47 -2.00 24.72
C HIS B 11 9.46 -2.29 23.23
N GLN B 12 8.62 -3.25 22.86
CA GLN B 12 8.45 -3.66 21.46
C GLN B 12 9.57 -4.50 20.85
N GLY B 13 10.49 -4.94 21.69
CA GLY B 13 11.56 -5.78 21.19
C GLY B 13 10.93 -7.06 20.67
N ILE B 14 11.55 -7.68 19.67
CA ILE B 14 10.99 -8.89 19.07
C ILE B 14 11.63 -10.18 19.58
N CYS B 15 10.80 -11.07 20.13
CA CYS B 15 11.25 -12.37 20.67
C CYS B 15 11.44 -13.36 19.52
N VAL B 16 12.63 -13.95 19.45
CA VAL B 16 12.93 -14.92 18.41
C VAL B 16 13.57 -16.18 18.99
N ARG B 17 13.05 -17.32 18.53
CA ARG B 17 13.50 -18.64 18.96
C ARG B 17 14.84 -19.02 18.32
N PHE B 18 15.74 -19.58 19.13
CA PHE B 18 17.04 -20.03 18.64
C PHE B 18 17.33 -21.34 19.34
N GLY B 19 17.70 -22.37 18.60
CA GLY B 19 17.95 -23.64 19.24
C GLY B 19 16.60 -24.21 19.65
N LEU B 20 16.60 -25.13 20.60
CA LEU B 20 15.35 -25.74 21.03
C LEU B 20 14.80 -25.07 22.27
N ASP B 21 15.62 -24.23 22.91
CA ASP B 21 15.18 -23.58 24.13
C ASP B 21 15.60 -22.14 24.36
N ARG B 22 16.56 -21.65 23.58
CA ARG B 22 17.00 -20.27 23.75
C ARG B 22 16.08 -19.29 23.02
N TYR B 23 16.30 -18.00 23.27
CA TYR B 23 15.52 -16.97 22.62
C TYR B 23 16.43 -15.77 22.45
N GLN B 24 15.94 -14.74 21.79
CA GLN B 24 16.75 -13.56 21.58
C GLN B 24 15.83 -12.40 21.23
N CYS B 25 16.07 -11.24 21.87
CA CYS B 25 15.27 -10.05 21.64
C CYS B 25 15.92 -9.12 20.63
N ASP B 26 15.14 -8.69 19.64
CA ASP B 26 15.67 -7.76 18.65
C ASP B 26 15.24 -6.39 19.12
N CYS B 27 16.15 -5.67 19.78
CA CYS B 27 15.84 -4.35 20.32
C CYS B 27 16.04 -3.21 19.33
N THR B 28 16.34 -3.54 18.09
CA THR B 28 16.56 -2.50 17.09
C THR B 28 15.56 -1.35 17.19
N ARG B 29 16.09 -0.15 17.32
CA ARG B 29 15.30 1.08 17.42
C ARG B 29 14.22 1.16 18.48
N THR B 30 14.41 0.46 19.59
CA THR B 30 13.42 0.47 20.68
C THR B 30 13.75 1.52 21.72
N GLY B 31 14.97 2.05 21.68
CA GLY B 31 15.37 3.03 22.67
C GLY B 31 16.06 2.33 23.83
N TYR B 32 16.06 0.99 23.78
CA TYR B 32 16.68 0.15 24.81
C TYR B 32 17.63 -0.90 24.25
N SER B 33 18.46 -1.46 25.14
CA SER B 33 19.40 -2.51 24.77
C SER B 33 19.34 -3.55 25.89
N GLY B 34 20.25 -4.52 25.87
CA GLY B 34 20.23 -5.55 26.90
C GLY B 34 19.39 -6.73 26.43
N PRO B 35 19.56 -7.91 27.04
CA PRO B 35 18.85 -9.14 26.71
C PRO B 35 17.35 -8.98 26.42
N ASN B 36 16.66 -8.29 27.33
CA ASN B 36 15.23 -8.07 27.19
C ASN B 36 14.87 -6.66 26.76
N CYS B 37 15.85 -5.89 26.29
CA CYS B 37 15.60 -4.52 25.87
C CYS B 37 15.05 -3.75 27.07
N THR B 38 15.81 -3.75 28.16
CA THR B 38 15.40 -3.08 29.38
C THR B 38 16.30 -1.91 29.75
N ILE B 39 17.52 -1.92 29.22
CA ILE B 39 18.51 -0.88 29.49
C ILE B 39 18.24 0.37 28.65
N PRO B 40 17.59 1.38 29.25
CA PRO B 40 17.26 2.63 28.57
C PRO B 40 18.42 3.49 28.15
N GLU B 41 18.28 4.08 26.97
CA GLU B 41 19.29 5.00 26.46
C GLU B 41 19.07 6.27 27.28
N ILE B 42 19.94 7.26 27.11
CA ILE B 42 19.81 8.49 27.87
C ILE B 42 18.50 9.23 27.58
N TRP B 43 18.20 9.45 26.30
CA TRP B 43 16.97 10.17 25.93
C TRP B 43 15.72 9.35 26.22
N THR B 44 15.79 8.04 26.03
CA THR B 44 14.64 7.20 26.30
C THR B 44 14.27 7.37 27.78
N TRP B 45 15.28 7.34 28.63
CA TRP B 45 15.10 7.47 30.07
C TRP B 45 14.42 8.78 30.48
N LEU B 46 14.80 9.90 29.88
CA LEU B 46 14.20 11.19 30.22
C LEU B 46 12.73 11.19 29.85
N ARG B 47 12.44 10.82 28.63
CA ARG B 47 11.06 10.78 28.17
C ARG B 47 10.17 9.98 29.12
N THR B 48 10.57 8.76 29.45
CA THR B 48 9.75 7.93 30.32
C THR B 48 9.59 8.45 31.76
N THR B 49 10.58 9.18 32.27
CA THR B 49 10.45 9.69 33.63
C THR B 49 9.77 11.07 33.67
N LEU B 50 9.98 11.89 32.65
CA LEU B 50 9.35 13.20 32.61
C LEU B 50 8.05 13.23 31.82
N ARG B 51 7.42 12.07 31.67
CA ARG B 51 6.17 11.98 30.93
C ARG B 51 5.02 11.88 31.92
N PRO B 52 4.09 12.85 31.91
CA PRO B 52 2.95 12.79 32.84
C PRO B 52 2.05 11.62 32.48
N SER B 53 1.37 11.06 33.47
CA SER B 53 0.49 9.93 33.21
C SER B 53 -0.67 10.29 32.25
N PRO B 54 -1.30 9.27 31.65
CA PRO B 54 -2.42 9.54 30.73
C PRO B 54 -3.52 10.20 31.55
N SER B 55 -3.66 9.74 32.78
CA SER B 55 -4.65 10.25 33.69
C SER B 55 -4.49 11.75 33.94
N PHE B 56 -3.23 12.20 34.04
CA PHE B 56 -2.96 13.61 34.30
C PHE B 56 -3.16 14.48 33.06
N ILE B 57 -2.79 13.97 31.90
CA ILE B 57 -2.95 14.73 30.67
C ILE B 57 -4.45 14.88 30.39
N HIS B 58 -5.20 13.82 30.65
CA HIS B 58 -6.65 13.85 30.44
C HIS B 58 -7.26 14.93 31.33
N PHE B 59 -6.63 15.16 32.49
CA PHE B 59 -7.08 16.17 33.42
C PHE B 59 -6.87 17.55 32.81
N LEU B 60 -5.68 17.77 32.25
CA LEU B 60 -5.35 19.02 31.63
C LEU B 60 -6.28 19.31 30.45
N LEU B 61 -6.62 18.28 29.70
CA LEU B 61 -7.47 18.44 28.54
C LEU B 61 -8.96 18.57 28.79
N THR B 62 -9.39 18.48 30.04
CA THR B 62 -10.82 18.60 30.32
C THR B 62 -11.14 19.61 31.42
N HIS B 63 -10.21 20.51 31.64
CA HIS B 63 -10.38 21.55 32.66
C HIS B 63 -9.84 22.87 32.11
N GLY B 64 -10.28 23.98 32.68
CA GLY B 64 -9.82 25.29 32.22
C GLY B 64 -10.29 25.72 30.83
N ARG B 65 -11.59 25.65 30.57
CA ARG B 65 -12.11 26.05 29.28
C ARG B 65 -11.51 27.39 28.84
N TRP B 66 -11.43 28.35 29.76
CA TRP B 66 -10.89 29.67 29.44
C TRP B 66 -9.53 29.63 28.78
N LEU B 67 -8.60 28.86 29.34
CA LEU B 67 -7.27 28.81 28.76
C LEU B 67 -7.29 28.11 27.40
N TRP B 68 -8.05 27.04 27.30
CA TRP B 68 -8.13 26.31 26.04
C TRP B 68 -8.70 27.17 24.92
N ASP B 69 -9.67 28.00 25.25
CA ASP B 69 -10.25 28.85 24.22
C ASP B 69 -9.18 29.76 23.66
N PHE B 70 -8.37 30.34 24.54
CA PHE B 70 -7.30 31.22 24.12
C PHE B 70 -6.28 30.45 23.28
N VAL B 71 -6.10 29.18 23.63
CA VAL B 71 -5.16 28.32 22.92
C VAL B 71 -5.70 27.95 21.55
N ASN B 72 -6.97 27.55 21.51
CA ASN B 72 -7.61 27.17 20.25
C ASN B 72 -7.58 28.29 19.22
N ALA B 73 -7.28 29.50 19.67
CA ALA B 73 -7.24 30.65 18.78
C ALA B 73 -5.82 31.01 18.37
N THR B 74 -4.85 30.19 18.77
CA THR B 74 -3.45 30.44 18.44
C THR B 74 -2.87 29.28 17.65
N PHE B 75 -1.64 29.46 17.18
CA PHE B 75 -0.93 28.44 16.42
C PHE B 75 -0.74 27.19 17.28
N ILE B 76 -0.75 27.39 18.59
CA ILE B 76 -0.57 26.29 19.55
C ILE B 76 -1.53 25.14 19.27
N ARG B 77 -2.72 25.45 18.79
CA ARG B 77 -3.68 24.41 18.45
C ARG B 77 -3.05 23.47 17.42
N ASP B 78 -2.46 24.03 16.36
CA ASP B 78 -1.83 23.19 15.34
C ASP B 78 -0.68 22.38 15.97
N THR B 79 0.10 23.04 16.81
CA THR B 79 1.21 22.39 17.47
C THR B 79 0.77 21.16 18.26
N LEU B 80 -0.28 21.31 19.05
CA LEU B 80 -0.77 20.20 19.86
C LEU B 80 -1.40 19.12 18.98
N MET B 81 -2.22 19.52 18.02
CA MET B 81 -2.87 18.56 17.15
C MET B 81 -1.80 17.70 16.49
N ARG B 82 -0.80 18.35 15.92
CA ARG B 82 0.29 17.63 15.27
C ARG B 82 0.96 16.66 16.24
N LEU B 83 1.21 17.13 17.46
CA LEU B 83 1.83 16.30 18.48
C LEU B 83 0.97 15.05 18.65
N VAL B 84 -0.33 15.28 18.85
CA VAL B 84 -1.31 14.21 19.05
C VAL B 84 -1.29 13.22 17.87
N LEU B 85 -1.26 13.74 16.66
CA LEU B 85 -1.25 12.92 15.46
C LEU B 85 -0.01 12.05 15.34
N THR B 86 1.17 12.65 15.53
CA THR B 86 2.40 11.88 15.38
C THR B 86 2.73 10.90 16.51
N VAL B 87 2.71 11.39 17.75
CA VAL B 87 3.01 10.58 18.91
C VAL B 87 2.11 9.35 19.02
N ARG B 88 0.82 9.60 18.86
CA ARG B 88 -0.19 8.57 18.90
C ARG B 88 0.03 7.56 17.76
N SER B 89 0.22 8.08 16.54
CA SER B 89 0.45 7.24 15.36
C SER B 89 1.67 6.34 15.42
N ASN B 90 2.79 6.86 15.90
CA ASN B 90 4.02 6.07 15.97
C ASN B 90 3.87 4.77 16.73
N LEU B 91 2.77 4.61 17.44
CA LEU B 91 2.55 3.37 18.17
C LEU B 91 2.07 2.27 17.22
N ILE B 92 1.70 2.62 16.00
CA ILE B 92 1.19 1.63 15.05
C ILE B 92 2.19 1.29 13.95
N PRO B 93 2.58 0.02 13.85
CA PRO B 93 3.54 -0.32 12.80
C PRO B 93 3.03 -0.21 11.38
N SER B 94 3.80 0.49 10.54
CA SER B 94 3.46 0.69 9.14
C SER B 94 4.74 0.73 8.33
N PRO B 95 4.89 -0.20 7.36
CA PRO B 95 3.97 -1.27 6.99
C PRO B 95 3.55 -2.19 8.12
N PRO B 96 2.45 -2.93 7.94
CA PRO B 96 1.94 -3.86 8.96
C PRO B 96 2.89 -5.03 9.22
N THR B 97 2.77 -5.65 10.40
CA THR B 97 3.65 -6.74 10.76
C THR B 97 3.05 -8.14 10.69
N TYR B 98 2.37 -8.55 11.76
CA TYR B 98 1.83 -9.90 11.85
C TYR B 98 0.35 -10.04 11.56
N ASN B 99 -0.07 -11.30 11.39
CA ASN B 99 -1.47 -11.63 11.15
C ASN B 99 -1.81 -12.98 11.79
N ILE B 100 -3.06 -13.40 11.64
CA ILE B 100 -3.49 -14.65 12.25
C ILE B 100 -2.65 -15.88 11.89
N ALA B 101 -1.84 -15.78 10.84
CA ALA B 101 -1.02 -16.91 10.42
C ALA B 101 0.47 -16.71 10.67
N HIS B 102 0.94 -15.49 10.55
CA HIS B 102 2.36 -15.31 10.78
C HIS B 102 2.65 -14.41 11.96
N ASP B 103 3.27 -14.99 12.99
CA ASP B 103 3.65 -14.21 14.15
C ASP B 103 5.08 -13.72 13.87
N TYR B 104 5.28 -13.18 12.67
CA TYR B 104 6.57 -12.67 12.25
C TYR B 104 6.36 -11.96 10.92
N ILE B 105 7.27 -11.06 10.57
CA ILE B 105 7.13 -10.36 9.29
C ILE B 105 7.33 -11.33 8.13
N SER B 106 6.53 -11.15 7.07
CA SER B 106 6.62 -12.01 5.88
C SER B 106 5.99 -11.29 4.69
N TRP B 107 6.37 -11.70 3.49
CA TRP B 107 5.82 -11.08 2.30
C TRP B 107 4.35 -11.40 2.12
N GLU B 108 3.92 -12.55 2.61
CA GLU B 108 2.51 -12.91 2.49
C GLU B 108 1.70 -11.98 3.39
N SER B 109 2.19 -11.72 4.59
CA SER B 109 1.46 -10.84 5.50
C SER B 109 1.41 -9.40 4.99
N PHE B 110 2.47 -8.96 4.32
CA PHE B 110 2.50 -7.61 3.79
C PHE B 110 1.62 -7.45 2.56
N SER B 111 1.51 -8.52 1.79
CA SER B 111 0.76 -8.47 0.55
C SER B 111 -0.70 -8.89 0.62
N ASN B 112 -0.96 -9.92 1.42
CA ASN B 112 -2.29 -10.48 1.54
C ASN B 112 -3.31 -9.65 2.28
N VAL B 113 -3.86 -8.70 1.53
CA VAL B 113 -4.85 -7.77 2.03
C VAL B 113 -6.13 -8.41 2.57
N SER B 114 -6.26 -9.73 2.46
CA SER B 114 -7.47 -10.37 2.97
C SER B 114 -7.39 -10.70 4.47
N TYR B 115 -6.25 -10.37 5.07
CA TYR B 115 -5.99 -10.61 6.49
C TYR B 115 -6.14 -9.35 7.33
N TYR B 116 -6.47 -9.53 8.60
CA TYR B 116 -6.51 -8.43 9.56
C TYR B 116 -5.06 -8.52 10.06
N THR B 117 -4.48 -7.41 10.49
CA THR B 117 -3.12 -7.44 11.01
C THR B 117 -3.27 -7.54 12.53
N ARG B 118 -2.16 -7.65 13.24
CA ARG B 118 -2.21 -7.68 14.68
C ARG B 118 -0.96 -6.96 15.19
N ILE B 119 -1.07 -6.31 16.35
CA ILE B 119 0.05 -5.55 16.93
C ILE B 119 0.96 -6.39 17.84
N LEU B 120 0.39 -7.37 18.52
CA LEU B 120 1.20 -8.25 19.34
C LEU B 120 1.05 -9.63 18.73
N PRO B 121 2.16 -10.38 18.59
CA PRO B 121 2.06 -11.73 18.03
C PRO B 121 1.14 -12.52 18.95
N SER B 122 0.49 -13.56 18.45
CA SER B 122 -0.40 -14.34 19.30
C SER B 122 0.33 -14.96 20.48
N VAL B 123 -0.43 -15.63 21.35
CA VAL B 123 0.17 -16.32 22.50
C VAL B 123 0.65 -17.65 21.90
N PRO B 124 1.95 -17.93 21.99
CA PRO B 124 2.46 -19.18 21.43
C PRO B 124 1.59 -20.38 21.82
N ARG B 125 1.23 -21.20 20.84
CA ARG B 125 0.38 -22.36 21.08
C ARG B 125 0.88 -23.36 22.11
N ASP B 126 2.20 -23.44 22.27
CA ASP B 126 2.78 -24.40 23.22
C ASP B 126 3.15 -23.79 24.56
N CYS B 127 2.35 -22.85 25.04
CA CYS B 127 2.62 -22.24 26.33
C CYS B 127 1.89 -22.96 27.46
N PRO B 128 2.41 -22.87 28.68
CA PRO B 128 1.81 -23.50 29.85
C PRO B 128 0.33 -23.19 30.05
N THR B 129 -0.04 -21.93 29.85
CA THR B 129 -1.43 -21.53 30.03
C THR B 129 -2.01 -20.93 28.77
N PRO B 130 -3.32 -20.67 28.78
CA PRO B 130 -3.96 -20.09 27.59
C PRO B 130 -3.48 -18.68 27.32
N MET B 131 -3.05 -17.99 28.37
CA MET B 131 -2.58 -16.62 28.26
C MET B 131 -1.08 -16.51 28.29
N GLY B 132 -0.40 -17.65 28.27
CA GLY B 132 1.05 -17.65 28.30
C GLY B 132 1.61 -18.44 29.46
N THR B 133 1.85 -17.75 30.57
CA THR B 133 2.44 -18.34 31.77
C THR B 133 1.59 -18.14 33.02
N LYS B 134 0.66 -17.19 32.99
CA LYS B 134 -0.16 -16.92 34.17
C LYS B 134 -1.61 -17.37 34.04
N GLY B 135 -2.29 -17.38 35.18
CA GLY B 135 -3.68 -17.78 35.18
C GLY B 135 -3.84 -19.28 35.24
N LYS B 136 -5.08 -19.75 35.07
CA LYS B 136 -5.41 -21.16 35.11
C LYS B 136 -5.26 -21.84 33.76
N LYS B 137 -5.30 -23.17 33.78
CA LYS B 137 -5.17 -23.95 32.54
C LYS B 137 -6.42 -23.72 31.71
N GLN B 138 -7.49 -23.28 32.35
CA GLN B 138 -8.72 -23.02 31.65
C GLN B 138 -9.30 -21.63 31.96
N LEU B 139 -9.58 -20.86 30.90
CA LEU B 139 -10.15 -19.54 31.06
C LEU B 139 -11.63 -19.59 31.46
N PRO B 140 -12.13 -18.51 32.07
CA PRO B 140 -13.53 -18.41 32.50
C PRO B 140 -14.51 -18.61 31.35
N ASP B 141 -15.64 -19.25 31.63
CA ASP B 141 -16.65 -19.48 30.61
C ASP B 141 -17.03 -18.12 30.04
N ALA B 142 -16.96 -17.98 28.72
CA ALA B 142 -17.30 -16.71 28.07
C ALA B 142 -18.72 -16.26 28.38
N GLU B 143 -19.65 -17.21 28.37
CA GLU B 143 -21.05 -16.90 28.67
C GLU B 143 -21.25 -16.36 30.09
N PHE B 144 -20.63 -17.02 31.07
CA PHE B 144 -20.73 -16.65 32.47
C PHE B 144 -20.06 -15.30 32.72
N LEU B 145 -18.84 -15.19 32.22
CA LEU B 145 -18.06 -13.98 32.34
C LEU B 145 -18.93 -12.83 31.85
N SER B 146 -19.54 -13.03 30.69
CA SER B 146 -20.41 -12.02 30.10
C SER B 146 -21.66 -11.74 30.95
N ARG B 147 -22.36 -12.78 31.37
CA ARG B 147 -23.54 -12.58 32.20
C ARG B 147 -23.24 -11.93 33.54
N ARG B 148 -22.09 -12.27 34.12
CA ARG B 148 -21.68 -11.73 35.40
C ARG B 148 -21.20 -10.27 35.44
N PHE B 149 -20.38 -9.87 34.47
CA PHE B 149 -19.86 -8.50 34.49
C PHE B 149 -20.22 -7.58 33.33
N LEU B 150 -20.94 -8.07 32.33
CA LEU B 150 -21.29 -7.24 31.19
C LEU B 150 -22.78 -7.08 30.96
N LEU B 151 -23.57 -8.04 31.44
CA LEU B 151 -25.01 -7.99 31.24
C LEU B 151 -25.56 -6.76 31.96
N ARG B 152 -26.37 -6.00 31.24
CA ARG B 152 -26.98 -4.80 31.82
C ARG B 152 -28.12 -5.16 32.78
N ARG B 153 -28.20 -4.42 33.88
CA ARG B 153 -29.26 -4.64 34.84
C ARG B 153 -30.13 -3.39 34.73
N LYS B 154 -29.53 -2.23 34.96
CA LYS B 154 -30.22 -0.95 34.87
C LYS B 154 -29.45 -0.10 33.85
N PHE B 155 -30.14 0.44 32.85
CA PHE B 155 -29.47 1.26 31.84
C PHE B 155 -28.67 2.38 32.47
N ILE B 156 -27.40 2.46 32.12
CA ILE B 156 -26.51 3.49 32.63
C ILE B 156 -26.20 4.43 31.49
N PRO B 157 -26.75 5.65 31.51
CA PRO B 157 -26.48 6.58 30.42
C PRO B 157 -25.04 7.09 30.44
N ASP B 158 -24.52 7.43 29.27
CA ASP B 158 -23.16 7.95 29.15
C ASP B 158 -23.13 9.39 29.69
N PRO B 159 -22.33 9.63 30.72
CA PRO B 159 -22.22 10.96 31.31
C PRO B 159 -21.81 12.07 30.33
N GLN B 160 -20.97 11.75 29.34
CA GLN B 160 -20.54 12.76 28.38
C GLN B 160 -21.69 13.23 27.48
N GLY B 161 -22.88 12.68 27.71
CA GLY B 161 -24.06 13.08 26.94
C GLY B 161 -24.22 12.50 25.55
N THR B 162 -23.42 11.51 25.19
CA THR B 162 -23.48 10.88 23.87
C THR B 162 -24.86 10.33 23.58
N ASN B 163 -25.33 10.51 22.34
CA ASN B 163 -26.65 10.02 21.95
C ASN B 163 -26.60 8.86 20.95
N LEU B 164 -27.76 8.38 20.53
CA LEU B 164 -27.82 7.27 19.57
C LEU B 164 -27.38 7.70 18.16
N MET B 165 -27.48 9.00 17.86
CA MET B 165 -27.09 9.51 16.56
C MET B 165 -25.59 9.19 16.41
N PHE B 166 -24.85 9.41 17.50
CA PHE B 166 -23.42 9.11 17.54
C PHE B 166 -23.26 7.61 17.47
N ALA B 167 -24.09 6.90 18.23
CA ALA B 167 -24.07 5.45 18.30
C ALA B 167 -24.17 4.77 16.93
N PHE B 168 -25.15 5.21 16.13
CA PHE B 168 -25.34 4.61 14.82
C PHE B 168 -24.29 5.04 13.82
N PHE B 169 -23.71 6.22 14.03
CA PHE B 169 -22.67 6.72 13.14
C PHE B 169 -21.47 5.79 13.30
N ALA B 170 -21.12 5.54 14.56
CA ALA B 170 -19.99 4.66 14.89
C ALA B 170 -20.16 3.32 14.21
N GLN B 171 -21.33 2.70 14.39
CA GLN B 171 -21.59 1.41 13.79
C GLN B 171 -21.41 1.51 12.27
N HIS B 172 -22.17 2.41 11.66
CA HIS B 172 -22.12 2.63 10.20
C HIS B 172 -20.70 2.88 9.71
N PHE B 173 -20.03 3.83 10.33
CA PHE B 173 -18.66 4.20 9.98
C PHE B 173 -17.64 3.05 10.07
N THR B 174 -17.66 2.33 11.20
CA THR B 174 -16.73 1.23 11.41
C THR B 174 -17.01 0.02 10.53
N HIS B 175 -18.28 -0.22 10.23
CA HIS B 175 -18.60 -1.39 9.43
C HIS B 175 -18.15 -1.31 7.99
N GLN B 176 -17.42 -0.24 7.67
CA GLN B 176 -16.88 -0.08 6.35
C GLN B 176 -15.50 -0.74 6.40
N PHE B 177 -14.87 -0.76 7.58
CA PHE B 177 -13.55 -1.41 7.68
C PHE B 177 -13.48 -2.62 8.61
N PHE B 178 -14.60 -2.98 9.23
CA PHE B 178 -14.66 -4.18 10.06
C PHE B 178 -15.69 -5.05 9.33
N LYS B 179 -15.23 -6.02 8.56
CA LYS B 179 -16.12 -6.92 7.82
C LYS B 179 -15.49 -8.30 7.82
N THR B 180 -15.59 -8.98 8.95
CA THR B 180 -15.02 -10.31 9.09
C THR B 180 -15.75 -11.30 8.19
N SER B 181 -14.99 -12.15 7.51
CA SER B 181 -15.54 -13.14 6.61
C SER B 181 -15.92 -14.42 7.33
N GLY B 182 -17.19 -14.81 7.21
CA GLY B 182 -17.63 -16.04 7.86
C GLY B 182 -17.06 -17.24 7.13
N LYS B 183 -16.98 -17.15 5.80
CA LYS B 183 -16.46 -18.25 5.02
C LYS B 183 -15.00 -18.54 5.35
N MET B 184 -14.19 -17.48 5.45
CA MET B 184 -12.77 -17.64 5.75
C MET B 184 -12.42 -17.82 7.21
N GLY B 185 -13.26 -17.33 8.12
CA GLY B 185 -12.98 -17.47 9.54
C GLY B 185 -12.29 -16.29 10.20
N PRO B 186 -12.25 -16.24 11.54
CA PRO B 186 -11.60 -15.14 12.27
C PRO B 186 -10.19 -14.84 11.77
N GLY B 187 -9.87 -13.56 11.73
CA GLY B 187 -8.55 -13.16 11.26
C GLY B 187 -8.62 -12.70 9.82
N PHE B 188 -9.76 -12.90 9.18
CA PHE B 188 -9.93 -12.51 7.79
C PHE B 188 -11.05 -11.47 7.61
N THR B 189 -10.85 -10.58 6.65
CA THR B 189 -11.80 -9.50 6.35
C THR B 189 -12.20 -9.42 4.87
N LYS B 190 -13.35 -8.81 4.61
CA LYS B 190 -13.82 -8.63 3.24
C LYS B 190 -13.67 -7.16 2.88
N ALA B 191 -13.39 -6.36 3.90
CA ALA B 191 -13.21 -4.94 3.74
C ALA B 191 -11.79 -4.63 3.34
N LEU B 192 -11.40 -5.08 2.16
CA LEU B 192 -10.07 -4.77 1.67
C LEU B 192 -10.19 -3.26 1.67
N GLY B 193 -9.13 -2.52 1.44
CA GLY B 193 -9.34 -1.09 1.55
C GLY B 193 -8.82 -0.75 2.93
N HIS B 194 -9.23 -1.53 3.92
CA HIS B 194 -8.75 -1.36 5.28
C HIS B 194 -8.83 0.05 5.84
N GLY B 195 -9.94 0.74 5.58
CA GLY B 195 -10.03 2.08 6.11
C GLY B 195 -11.23 2.87 5.66
N VAL B 196 -11.05 4.18 5.62
CA VAL B 196 -12.11 5.06 5.22
C VAL B 196 -12.07 5.17 3.70
N ASP B 197 -12.64 4.18 3.04
CA ASP B 197 -12.69 4.17 1.58
C ASP B 197 -14.14 4.23 1.14
N LEU B 198 -15.02 4.28 2.14
CA LEU B 198 -16.46 4.33 1.95
C LEU B 198 -17.03 3.09 1.25
N GLY B 199 -16.40 1.94 1.46
CA GLY B 199 -16.88 0.72 0.86
C GLY B 199 -18.29 0.39 1.34
N HIS B 200 -18.71 1.00 2.44
CA HIS B 200 -20.04 0.74 2.99
C HIS B 200 -21.07 1.57 2.25
N ILE B 201 -20.60 2.34 1.28
CA ILE B 201 -21.48 3.17 0.49
C ILE B 201 -21.42 2.74 -0.96
N TYR B 202 -20.21 2.48 -1.46
CA TYR B 202 -20.01 2.10 -2.85
C TYR B 202 -19.79 0.61 -3.04
N GLY B 203 -19.73 -0.13 -1.94
CA GLY B 203 -19.51 -1.56 -2.02
C GLY B 203 -18.04 -1.88 -1.82
N ASP B 204 -17.70 -3.11 -1.46
CA ASP B 204 -16.29 -3.45 -1.26
C ASP B 204 -15.68 -4.16 -2.46
N ASN B 205 -16.43 -4.21 -3.57
CA ASN B 205 -15.92 -4.83 -4.80
C ASN B 205 -16.53 -4.09 -5.99
N LEU B 206 -15.82 -4.09 -7.12
CA LEU B 206 -16.28 -3.37 -8.31
C LEU B 206 -17.59 -3.82 -8.93
N GLU B 207 -17.78 -5.11 -9.12
CA GLU B 207 -19.02 -5.51 -9.74
C GLU B 207 -20.18 -5.03 -8.87
N ARG B 208 -20.00 -5.09 -7.56
CA ARG B 208 -21.06 -4.65 -6.67
C ARG B 208 -21.28 -3.14 -6.82
N GLN B 209 -20.18 -2.39 -6.92
CA GLN B 209 -20.27 -0.96 -7.08
C GLN B 209 -21.06 -0.64 -8.35
N TYR B 210 -20.74 -1.36 -9.42
CA TYR B 210 -21.41 -1.15 -10.69
C TYR B 210 -22.93 -1.32 -10.65
N GLN B 211 -23.40 -2.35 -9.95
CA GLN B 211 -24.83 -2.59 -9.85
C GLN B 211 -25.49 -1.47 -9.04
N LEU B 212 -24.72 -0.87 -8.14
CA LEU B 212 -25.21 0.20 -7.28
C LEU B 212 -25.21 1.57 -7.95
N ARG B 213 -24.41 1.73 -8.99
CA ARG B 213 -24.31 3.00 -9.69
C ARG B 213 -25.33 3.19 -10.81
N LEU B 214 -25.71 4.44 -11.05
CA LEU B 214 -26.70 4.80 -12.07
C LEU B 214 -26.01 4.99 -13.42
N PHE B 215 -24.72 5.32 -13.38
CA PHE B 215 -23.94 5.57 -14.57
C PHE B 215 -24.44 6.76 -15.36
N LYS B 216 -24.95 7.73 -14.62
CA LYS B 216 -25.42 8.97 -15.20
C LYS B 216 -25.03 10.05 -14.21
N ASP B 217 -24.34 11.08 -14.69
CA ASP B 217 -23.92 12.17 -13.82
C ASP B 217 -23.16 11.65 -12.61
N GLY B 218 -22.44 10.54 -12.82
CA GLY B 218 -21.65 9.92 -11.76
C GLY B 218 -22.41 9.59 -10.49
N LYS B 219 -23.74 9.47 -10.61
CA LYS B 219 -24.60 9.20 -9.47
C LYS B 219 -24.87 7.74 -9.08
N LEU B 220 -25.39 7.58 -7.86
CA LEU B 220 -25.77 6.27 -7.29
C LEU B 220 -27.26 6.05 -7.60
N LYS B 221 -27.64 4.81 -7.86
CA LYS B 221 -29.05 4.49 -8.13
C LYS B 221 -29.88 4.81 -6.90
N TYR B 222 -31.15 5.14 -7.11
CA TYR B 222 -32.02 5.48 -5.99
C TYR B 222 -33.48 5.35 -6.38
N GLN B 223 -34.35 5.33 -5.38
CA GLN B 223 -35.79 5.24 -5.63
C GLN B 223 -36.51 6.35 -4.89
N MET B 224 -37.73 6.64 -5.33
CA MET B 224 -38.54 7.67 -4.69
C MET B 224 -39.65 7.04 -3.87
N LEU B 225 -39.89 7.60 -2.69
CA LEU B 225 -40.92 7.11 -1.82
C LEU B 225 -41.39 8.32 -1.02
N ASN B 226 -42.69 8.54 -1.03
CA ASN B 226 -43.28 9.67 -0.31
C ASN B 226 -42.56 10.98 -0.64
N GLY B 227 -42.15 11.11 -1.90
CA GLY B 227 -41.47 12.30 -2.36
C GLY B 227 -40.07 12.48 -1.81
N GLU B 228 -39.51 11.41 -1.28
CA GLU B 228 -38.17 11.46 -0.71
C GLU B 228 -37.23 10.45 -1.35
N VAL B 229 -35.94 10.77 -1.35
CA VAL B 229 -34.94 9.90 -1.96
C VAL B 229 -34.40 8.82 -1.02
N TYR B 230 -34.51 7.57 -1.46
CA TYR B 230 -34.03 6.41 -0.71
C TYR B 230 -33.23 5.45 -1.58
N PRO B 231 -32.33 4.68 -0.96
CA PRO B 231 -31.52 3.73 -1.72
C PRO B 231 -32.42 2.84 -2.58
N PRO B 232 -31.89 2.32 -3.69
CA PRO B 232 -32.70 1.46 -4.56
C PRO B 232 -33.08 0.15 -3.90
N SER B 233 -33.98 -0.59 -4.54
CA SER B 233 -34.40 -1.90 -4.03
C SER B 233 -33.51 -2.95 -4.71
N VAL B 234 -33.39 -4.13 -4.11
CA VAL B 234 -32.56 -5.19 -4.68
C VAL B 234 -33.04 -5.62 -6.07
N GLU B 235 -34.21 -5.12 -6.47
CA GLU B 235 -34.76 -5.47 -7.78
C GLU B 235 -34.14 -4.56 -8.84
N GLU B 236 -33.86 -3.31 -8.47
CA GLU B 236 -33.25 -2.35 -9.37
C GLU B 236 -31.72 -2.39 -9.26
N ALA B 237 -31.25 -2.81 -8.09
CA ALA B 237 -29.82 -2.93 -7.81
C ALA B 237 -29.61 -4.36 -7.31
N PRO B 238 -29.49 -5.32 -8.25
CA PRO B 238 -29.30 -6.75 -7.99
C PRO B 238 -28.01 -7.00 -7.23
N VAL B 239 -28.02 -6.60 -5.97
CA VAL B 239 -26.87 -6.74 -5.08
C VAL B 239 -27.24 -7.54 -3.85
N LEU B 240 -26.32 -8.38 -3.40
CA LEU B 240 -26.53 -9.22 -2.23
C LEU B 240 -26.76 -8.37 -0.98
N MET B 241 -27.75 -8.77 -0.18
CA MET B 241 -28.09 -8.10 1.07
C MET B 241 -28.54 -9.20 2.02
N HIS B 242 -28.16 -9.10 3.29
CA HIS B 242 -28.57 -10.11 4.25
C HIS B 242 -29.88 -9.69 4.88
N TYR B 243 -30.93 -10.42 4.55
CA TYR B 243 -32.27 -10.18 5.07
C TYR B 243 -32.85 -11.55 5.38
N PRO B 244 -33.72 -11.63 6.38
CA PRO B 244 -34.32 -12.93 6.74
C PRO B 244 -35.06 -13.53 5.55
N ARG B 245 -35.02 -14.86 5.44
CA ARG B 245 -35.72 -15.55 4.35
C ARG B 245 -37.21 -15.29 4.46
N GLY B 246 -37.82 -14.86 3.35
CA GLY B 246 -39.23 -14.59 3.37
C GLY B 246 -39.58 -13.14 3.13
N ILE B 247 -38.55 -12.31 2.99
CA ILE B 247 -38.76 -10.88 2.73
C ILE B 247 -38.60 -10.65 1.22
N PRO B 248 -39.69 -10.25 0.55
CA PRO B 248 -39.63 -10.00 -0.90
C PRO B 248 -38.55 -9.00 -1.30
N PRO B 249 -38.04 -9.09 -2.54
CA PRO B 249 -37.00 -8.19 -3.05
C PRO B 249 -37.41 -6.72 -3.10
N GLN B 250 -38.67 -6.46 -3.39
CA GLN B 250 -39.16 -5.08 -3.47
C GLN B 250 -39.03 -4.37 -2.13
N SER B 251 -38.86 -5.13 -1.04
CA SER B 251 -38.72 -4.55 0.29
C SER B 251 -37.28 -4.48 0.79
N GLN B 252 -36.35 -5.09 0.08
CA GLN B 252 -34.95 -5.08 0.47
C GLN B 252 -34.21 -3.94 -0.21
N MET B 253 -33.51 -3.12 0.57
CA MET B 253 -32.76 -2.01 0.00
C MET B 253 -31.32 -2.42 -0.24
N ALA B 254 -30.71 -1.87 -1.29
CA ALA B 254 -29.31 -2.16 -1.65
C ALA B 254 -28.41 -0.99 -1.21
N VAL B 255 -27.37 -1.28 -0.43
CA VAL B 255 -26.51 -0.20 0.01
C VAL B 255 -24.99 -0.32 -0.04
N GLY B 256 -24.46 -1.41 -0.55
CA GLY B 256 -23.01 -1.44 -0.58
C GLY B 256 -22.49 -2.22 0.60
N GLN B 257 -23.03 -1.99 1.80
CA GLN B 257 -22.64 -2.77 2.97
C GLN B 257 -23.80 -3.76 3.21
N GLU B 258 -23.57 -5.00 2.81
CA GLU B 258 -24.52 -6.11 2.89
C GLU B 258 -25.33 -6.30 4.18
N VAL B 259 -24.88 -5.70 5.28
CA VAL B 259 -25.53 -5.87 6.57
C VAL B 259 -26.40 -4.72 7.06
N PHE B 260 -26.40 -3.59 6.36
CA PHE B 260 -27.17 -2.44 6.83
C PHE B 260 -28.69 -2.55 6.83
N GLY B 261 -29.23 -3.55 6.15
CA GLY B 261 -30.68 -3.68 6.13
C GLY B 261 -31.18 -4.13 7.50
N LEU B 262 -30.24 -4.51 8.35
CA LEU B 262 -30.53 -5.00 9.68
C LEU B 262 -30.76 -3.96 10.76
N LEU B 263 -30.90 -2.69 10.39
CA LEU B 263 -31.14 -1.63 11.38
C LEU B 263 -31.53 -0.29 10.77
N PRO B 264 -32.70 0.24 11.13
CA PRO B 264 -33.08 1.54 10.55
C PRO B 264 -31.93 2.50 10.80
N GLY B 265 -31.31 2.40 11.97
CA GLY B 265 -30.20 3.27 12.30
C GLY B 265 -29.10 3.24 11.25
N LEU B 266 -28.77 2.06 10.77
CA LEU B 266 -27.74 1.92 9.75
C LEU B 266 -28.26 2.44 8.42
N MET B 267 -29.40 1.90 8.00
CA MET B 267 -30.00 2.29 6.72
C MET B 267 -30.26 3.80 6.66
N LEU B 268 -30.43 4.43 7.82
CA LEU B 268 -30.65 5.88 7.88
C LEU B 268 -29.41 6.56 7.31
N TYR B 269 -28.26 6.24 7.91
CA TYR B 269 -27.00 6.81 7.47
C TYR B 269 -26.69 6.44 6.03
N ALA B 270 -27.03 5.22 5.63
CA ALA B 270 -26.79 4.81 4.27
C ALA B 270 -27.57 5.79 3.38
N THR B 271 -28.79 6.14 3.80
CA THR B 271 -29.62 7.06 3.02
C THR B 271 -29.01 8.46 2.97
N ILE B 272 -28.72 9.02 4.14
CA ILE B 272 -28.10 10.34 4.24
C ILE B 272 -26.89 10.46 3.31
N TRP B 273 -25.95 9.53 3.44
CA TRP B 273 -24.75 9.54 2.60
C TRP B 273 -25.04 9.37 1.11
N LEU B 274 -25.97 8.49 0.78
CA LEU B 274 -26.32 8.27 -0.62
C LEU B 274 -26.84 9.58 -1.21
N ARG B 275 -27.68 10.29 -0.45
CA ARG B 275 -28.24 11.57 -0.88
C ARG B 275 -27.13 12.62 -1.08
N GLU B 276 -26.14 12.59 -0.19
CA GLU B 276 -25.01 13.53 -0.26
C GLU B 276 -24.11 13.32 -1.48
N HIS B 277 -24.02 12.07 -1.92
CA HIS B 277 -23.19 11.73 -3.07
C HIS B 277 -23.72 12.39 -4.33
N ASN B 278 -25.00 12.11 -4.61
CA ASN B 278 -25.65 12.68 -5.78
C ASN B 278 -25.63 14.21 -5.70
N ARG B 279 -25.72 14.74 -4.48
CA ARG B 279 -25.69 16.19 -4.31
C ARG B 279 -24.34 16.73 -4.78
N VAL B 280 -23.26 16.11 -4.30
CA VAL B 280 -21.92 16.53 -4.68
C VAL B 280 -21.76 16.40 -6.19
N CYS B 281 -22.41 15.39 -6.78
CA CYS B 281 -22.34 15.19 -8.23
C CYS B 281 -22.92 16.42 -8.95
N ASP B 282 -24.10 16.87 -8.53
CA ASP B 282 -24.73 18.04 -9.14
C ASP B 282 -23.84 19.27 -9.07
N LEU B 283 -23.11 19.40 -7.97
CA LEU B 283 -22.21 20.53 -7.81
C LEU B 283 -21.03 20.41 -8.77
N LEU B 284 -20.44 19.21 -8.86
CA LEU B 284 -19.30 18.99 -9.74
C LEU B 284 -19.69 19.27 -11.19
N LYS B 285 -20.83 18.74 -11.62
CA LYS B 285 -21.29 18.92 -12.99
C LYS B 285 -21.38 20.39 -13.36
N ALA B 286 -21.94 21.19 -12.46
CA ALA B 286 -22.06 22.62 -12.74
C ALA B 286 -20.69 23.22 -13.07
N GLU B 287 -19.67 22.80 -12.33
CA GLU B 287 -18.32 23.31 -12.53
C GLU B 287 -17.59 22.67 -13.71
N HIS B 288 -17.96 21.44 -14.07
CA HIS B 288 -17.29 20.75 -15.16
C HIS B 288 -18.26 20.12 -16.15
N PRO B 289 -18.95 20.96 -16.94
CA PRO B 289 -19.90 20.47 -17.93
C PRO B 289 -19.37 19.49 -18.97
N THR B 290 -18.05 19.32 -19.05
CA THR B 290 -17.47 18.38 -20.01
C THR B 290 -17.15 17.01 -19.42
N TRP B 291 -17.27 16.86 -18.10
CA TRP B 291 -16.96 15.58 -17.48
C TRP B 291 -18.03 14.56 -17.74
N GLY B 292 -17.65 13.29 -17.61
CA GLY B 292 -18.58 12.20 -17.80
C GLY B 292 -18.87 11.53 -16.47
N ASP B 293 -19.72 10.52 -16.51
CA ASP B 293 -20.11 9.75 -15.35
C ASP B 293 -18.94 9.27 -14.48
N GLU B 294 -17.99 8.52 -15.06
CA GLU B 294 -16.85 8.01 -14.30
C GLU B 294 -16.13 9.09 -13.48
N GLN B 295 -15.61 10.11 -14.15
CA GLN B 295 -14.92 11.17 -13.42
C GLN B 295 -15.84 11.85 -12.40
N LEU B 296 -17.12 12.00 -12.73
CA LEU B 296 -18.01 12.64 -11.77
C LEU B 296 -18.16 11.74 -10.55
N PHE B 297 -18.38 10.46 -10.80
CA PHE B 297 -18.52 9.48 -9.72
C PHE B 297 -17.26 9.42 -8.85
N GLN B 298 -16.10 9.29 -9.49
CA GLN B 298 -14.84 9.17 -8.75
C GLN B 298 -14.56 10.41 -7.91
N THR B 299 -14.74 11.59 -8.50
CA THR B 299 -14.46 12.82 -7.77
C THR B 299 -15.39 12.98 -6.58
N ALA B 300 -16.65 12.64 -6.77
CA ALA B 300 -17.61 12.75 -5.67
C ALA B 300 -17.13 11.85 -4.55
N ARG B 301 -16.81 10.60 -4.89
CA ARG B 301 -16.35 9.65 -3.89
C ARG B 301 -15.19 10.21 -3.04
N LEU B 302 -14.19 10.79 -3.69
CA LEU B 302 -13.06 11.34 -2.94
C LEU B 302 -13.54 12.42 -1.98
N ILE B 303 -14.44 13.28 -2.44
CA ILE B 303 -14.98 14.37 -1.62
C ILE B 303 -15.67 13.83 -0.38
N LEU B 304 -16.41 12.75 -0.55
CA LEU B 304 -17.12 12.13 0.55
C LEU B 304 -16.14 11.47 1.53
N ILE B 305 -15.04 10.96 1.00
CA ILE B 305 -14.04 10.36 1.87
C ILE B 305 -13.54 11.51 2.75
N GLY B 306 -13.19 12.62 2.11
CA GLY B 306 -12.70 13.77 2.83
C GLY B 306 -13.69 14.28 3.87
N GLU B 307 -14.97 14.36 3.51
CA GLU B 307 -15.99 14.82 4.44
C GLU B 307 -16.08 13.93 5.66
N THR B 308 -16.04 12.62 5.43
CA THR B 308 -16.13 11.66 6.51
C THR B 308 -14.98 11.85 7.49
N ILE B 309 -13.75 11.97 6.97
CA ILE B 309 -12.60 12.15 7.84
C ILE B 309 -12.70 13.48 8.58
N LYS B 310 -13.24 14.50 7.93
CA LYS B 310 -13.39 15.80 8.57
C LYS B 310 -14.36 15.69 9.74
N ILE B 311 -15.49 15.04 9.49
CA ILE B 311 -16.49 14.94 10.54
C ILE B 311 -16.10 14.02 11.66
N VAL B 312 -15.32 12.98 11.34
CA VAL B 312 -14.89 12.03 12.35
C VAL B 312 -13.93 12.65 13.33
N ILE B 313 -12.93 13.39 12.83
CA ILE B 313 -11.95 14.03 13.70
C ILE B 313 -12.49 15.22 14.47
N GLU B 314 -13.10 16.15 13.77
CA GLU B 314 -13.61 17.35 14.41
C GLU B 314 -14.94 17.26 15.15
N GLU B 315 -15.71 16.20 14.94
CA GLU B 315 -16.97 16.09 15.66
C GLU B 315 -17.13 14.76 16.40
N TYR B 316 -16.97 13.66 15.69
CA TYR B 316 -17.08 12.32 16.27
C TYR B 316 -16.10 12.14 17.43
N VAL B 317 -14.81 12.28 17.13
CA VAL B 317 -13.79 12.14 18.16
C VAL B 317 -13.81 13.26 19.18
N GLN B 318 -14.14 14.47 18.74
CA GLN B 318 -14.22 15.59 19.67
C GLN B 318 -15.18 15.18 20.78
N GLN B 319 -16.36 14.71 20.37
CA GLN B 319 -17.41 14.29 21.31
C GLN B 319 -16.93 13.17 22.24
N LEU B 320 -16.26 12.17 21.67
CA LEU B 320 -15.75 11.03 22.42
C LEU B 320 -14.73 11.44 23.46
N SER B 321 -13.69 12.12 22.98
CA SER B 321 -12.58 12.57 23.80
C SER B 321 -13.00 13.42 24.98
N GLY B 322 -13.96 14.32 24.74
CA GLY B 322 -14.42 15.22 25.78
C GLY B 322 -13.44 16.37 25.96
N TYR B 323 -12.37 16.38 25.17
CA TYR B 323 -11.31 17.39 25.24
C TYR B 323 -11.71 18.83 24.99
N PHE B 324 -11.08 19.76 25.70
CA PHE B 324 -11.36 21.17 25.50
C PHE B 324 -10.52 21.68 24.34
N LEU B 325 -9.44 20.97 24.06
CA LEU B 325 -8.59 21.32 22.93
C LEU B 325 -9.48 21.06 21.72
N GLN B 326 -9.47 21.96 20.74
CA GLN B 326 -10.30 21.74 19.58
C GLN B 326 -9.53 20.95 18.52
N LEU B 327 -9.78 19.64 18.45
CA LEU B 327 -9.15 18.77 17.49
C LEU B 327 -9.30 19.37 16.11
N LYS B 328 -8.40 19.06 15.20
CA LYS B 328 -8.46 19.65 13.86
C LYS B 328 -8.02 18.73 12.74
N PHE B 329 -8.82 18.65 11.69
CA PHE B 329 -8.44 17.82 10.55
C PHE B 329 -7.80 18.68 9.47
N ASP B 330 -6.50 18.49 9.28
CA ASP B 330 -5.75 19.24 8.30
C ASP B 330 -4.45 18.52 8.05
N PRO B 331 -4.36 17.80 6.92
CA PRO B 331 -3.23 16.99 6.44
C PRO B 331 -1.90 17.73 6.40
N GLU B 332 -1.97 19.05 6.23
CA GLU B 332 -0.73 19.81 6.15
C GLU B 332 0.08 19.68 7.43
N LEU B 333 -0.58 19.45 8.56
CA LEU B 333 0.12 19.29 9.82
C LEU B 333 1.19 18.19 9.75
N LEU B 334 0.99 17.21 8.89
CA LEU B 334 1.93 16.10 8.79
C LEU B 334 2.92 16.19 7.64
N PHE B 335 2.75 17.21 6.79
CA PHE B 335 3.66 17.37 5.66
C PHE B 335 5.12 17.53 5.99
N GLY B 336 5.42 17.92 7.22
CA GLY B 336 6.82 18.05 7.59
C GLY B 336 7.30 16.84 8.36
N ALA B 337 6.43 15.83 8.48
CA ALA B 337 6.74 14.63 9.23
C ALA B 337 7.05 13.39 8.40
N GLN B 338 7.61 12.37 9.06
CA GLN B 338 7.90 11.09 8.43
C GLN B 338 6.66 10.29 8.79
N PHE B 339 5.88 9.92 7.80
CA PHE B 339 4.62 9.24 8.06
C PHE B 339 4.12 8.51 6.82
N GLN B 340 3.83 7.21 6.97
CA GLN B 340 3.34 6.42 5.84
C GLN B 340 1.85 6.63 5.59
N TYR B 341 1.49 6.93 4.35
CA TYR B 341 0.09 7.14 4.05
C TYR B 341 -0.56 5.84 3.60
N ARG B 342 -0.56 4.88 4.51
CA ARG B 342 -1.16 3.57 4.29
C ARG B 342 -1.72 3.11 5.63
N ASN B 343 -2.58 2.10 5.61
CA ASN B 343 -3.16 1.63 6.85
C ASN B 343 -3.78 0.24 6.72
N ARG B 344 -3.55 -0.60 7.73
CA ARG B 344 -4.06 -1.95 7.76
C ARG B 344 -4.82 -2.16 9.08
N ILE B 345 -6.04 -2.69 8.98
CA ILE B 345 -6.88 -2.92 10.15
C ILE B 345 -6.41 -4.07 11.02
N ALA B 346 -6.31 -3.82 12.31
CA ALA B 346 -5.88 -4.80 13.30
C ALA B 346 -7.06 -5.50 13.96
N MET B 347 -6.88 -6.76 14.32
CA MET B 347 -7.94 -7.51 14.99
C MET B 347 -8.17 -6.90 16.37
N GLU B 348 -7.13 -6.34 16.97
CA GLU B 348 -7.29 -5.74 18.29
C GLU B 348 -8.18 -4.51 18.18
N PHE B 349 -8.02 -3.79 17.07
CA PHE B 349 -8.81 -2.59 16.80
C PHE B 349 -10.27 -3.01 16.63
N ASN B 350 -10.48 -4.19 16.03
CA ASN B 350 -11.81 -4.73 15.81
C ASN B 350 -12.45 -5.08 17.17
N GLN B 351 -11.73 -5.87 17.97
CA GLN B 351 -12.20 -6.25 19.30
C GLN B 351 -12.60 -4.98 20.05
N LEU B 352 -11.62 -4.11 20.27
CA LEU B 352 -11.83 -2.86 21.00
C LEU B 352 -13.04 -2.05 20.55
N TYR B 353 -13.35 -2.05 19.25
CA TYR B 353 -14.47 -1.27 18.74
C TYR B 353 -15.85 -1.91 18.86
N HIS B 354 -15.99 -2.91 19.73
CA HIS B 354 -17.29 -3.54 19.93
C HIS B 354 -17.96 -2.76 21.05
N TRP B 355 -18.56 -1.63 20.68
CA TRP B 355 -19.21 -0.71 21.61
C TRP B 355 -20.70 -0.94 21.77
N HIS B 356 -21.09 -2.19 21.98
CA HIS B 356 -22.49 -2.54 22.12
C HIS B 356 -23.21 -1.93 23.33
N PRO B 357 -22.46 -1.49 24.35
CA PRO B 357 -23.16 -0.91 25.49
C PRO B 357 -23.86 0.40 25.12
N LEU B 358 -23.56 0.93 23.93
CA LEU B 358 -24.16 2.18 23.47
C LEU B 358 -25.66 2.01 23.24
N MET B 359 -26.06 0.84 22.75
CA MET B 359 -27.48 0.59 22.47
C MET B 359 -28.33 0.66 23.72
N PRO B 360 -29.52 1.26 23.61
CA PRO B 360 -30.47 1.42 24.71
C PRO B 360 -31.32 0.19 25.04
N ASP B 361 -32.20 0.34 26.03
CA ASP B 361 -33.09 -0.72 26.45
C ASP B 361 -34.14 -0.87 25.34
N SER B 362 -34.44 0.26 24.68
CA SER B 362 -35.42 0.31 23.59
C SER B 362 -35.18 1.59 22.79
N PHE B 363 -35.83 1.72 21.63
CA PHE B 363 -35.66 2.89 20.78
C PHE B 363 -36.88 3.82 20.73
N ARG B 364 -36.70 5.01 21.32
CA ARG B 364 -37.73 6.02 21.40
C ARG B 364 -37.79 6.95 20.20
N VAL B 365 -38.90 6.90 19.48
CA VAL B 365 -39.14 7.72 18.30
C VAL B 365 -40.42 8.47 18.62
N GLY B 366 -40.26 9.68 19.13
CA GLY B 366 -41.42 10.47 19.51
C GLY B 366 -42.08 9.79 20.68
N PRO B 367 -43.40 9.58 20.64
CA PRO B 367 -44.10 8.93 21.75
C PRO B 367 -43.94 7.41 21.70
N GLN B 368 -43.88 6.84 20.49
CA GLN B 368 -43.71 5.40 20.34
C GLN B 368 -42.37 4.94 20.87
N ASP B 369 -42.38 3.78 21.51
CA ASP B 369 -41.16 3.23 22.09
C ASP B 369 -40.98 1.84 21.50
N TYR B 370 -40.26 1.77 20.39
CA TYR B 370 -40.03 0.51 19.73
C TYR B 370 -39.04 -0.40 20.44
N SER B 371 -39.37 -1.68 20.49
CA SER B 371 -38.49 -2.65 21.15
C SER B 371 -37.48 -3.18 20.14
N TYR B 372 -36.60 -4.05 20.62
CA TYR B 372 -35.58 -4.64 19.77
C TYR B 372 -36.21 -5.54 18.70
N GLU B 373 -37.26 -6.27 19.07
CA GLU B 373 -37.94 -7.15 18.12
C GLU B 373 -38.77 -6.36 17.10
N GLN B 374 -38.98 -5.07 17.39
CA GLN B 374 -39.73 -4.22 16.49
C GLN B 374 -38.79 -3.38 15.65
N PHE B 375 -37.55 -3.28 16.10
CA PHE B 375 -36.55 -2.47 15.45
C PHE B 375 -35.60 -3.26 14.56
N LEU B 376 -35.00 -4.29 15.14
CA LEU B 376 -34.02 -5.09 14.44
C LEU B 376 -34.10 -5.30 12.93
N PHE B 377 -35.18 -5.81 12.38
CA PHE B 377 -35.14 -5.97 10.92
C PHE B 377 -36.21 -5.20 10.18
N ASN B 378 -36.78 -4.22 10.87
CA ASN B 378 -37.82 -3.39 10.31
C ASN B 378 -37.38 -2.81 8.96
N THR B 379 -38.07 -3.21 7.89
CA THR B 379 -37.72 -2.70 6.58
C THR B 379 -38.58 -1.49 6.21
N SER B 380 -39.55 -1.15 7.05
CA SER B 380 -40.41 -0.01 6.74
C SER B 380 -40.35 1.18 7.70
N MET B 381 -39.54 1.09 8.75
CA MET B 381 -39.48 2.20 9.69
C MET B 381 -38.85 3.45 9.08
N LEU B 382 -37.68 3.32 8.47
CA LEU B 382 -37.01 4.46 7.85
C LEU B 382 -37.96 5.25 6.95
N VAL B 383 -38.64 4.56 6.03
CA VAL B 383 -39.58 5.23 5.13
C VAL B 383 -40.79 5.81 5.87
N ASP B 384 -41.30 5.07 6.85
CA ASP B 384 -42.44 5.55 7.63
C ASP B 384 -42.17 6.93 8.22
N TYR B 385 -41.00 7.11 8.83
CA TYR B 385 -40.68 8.38 9.46
C TYR B 385 -39.83 9.37 8.66
N GLY B 386 -39.05 8.87 7.71
CA GLY B 386 -38.18 9.74 6.93
C GLY B 386 -36.91 10.08 7.72
N VAL B 387 -35.91 10.64 7.04
CA VAL B 387 -34.63 10.99 7.66
C VAL B 387 -34.69 12.00 8.80
N GLU B 388 -35.30 13.16 8.55
CA GLU B 388 -35.43 14.20 9.57
C GLU B 388 -35.97 13.61 10.87
N ALA B 389 -37.09 12.91 10.75
CA ALA B 389 -37.74 12.27 11.89
C ALA B 389 -36.82 11.41 12.75
N LEU B 390 -36.17 10.44 12.12
CA LEU B 390 -35.28 9.55 12.86
C LEU B 390 -33.99 10.25 13.35
N VAL B 391 -33.48 11.20 12.57
CA VAL B 391 -32.28 11.89 13.01
C VAL B 391 -32.59 12.64 14.30
N ASP B 392 -33.76 13.27 14.35
CA ASP B 392 -34.14 14.02 15.53
C ASP B 392 -34.27 13.08 16.73
N ALA B 393 -34.86 11.92 16.48
CA ALA B 393 -35.05 10.93 17.52
C ALA B 393 -33.72 10.47 18.11
N PHE B 394 -32.89 9.86 17.28
CA PHE B 394 -31.61 9.36 17.72
C PHE B 394 -30.74 10.44 18.33
N SER B 395 -30.91 11.67 17.89
CA SER B 395 -30.11 12.75 18.44
C SER B 395 -30.52 13.09 19.87
N ARG B 396 -31.78 12.85 20.20
CA ARG B 396 -32.31 13.15 21.54
C ARG B 396 -32.16 12.01 22.55
N GLN B 397 -32.00 10.79 22.07
CA GLN B 397 -31.89 9.67 22.99
C GLN B 397 -30.48 9.32 23.42
N PRO B 398 -30.22 9.29 24.72
CA PRO B 398 -28.88 8.97 25.21
C PRO B 398 -28.48 7.52 24.94
N ALA B 399 -27.21 7.33 24.60
CA ALA B 399 -26.66 6.00 24.38
C ALA B 399 -26.04 5.69 25.72
N GLY B 400 -25.80 4.42 26.00
CA GLY B 400 -25.23 4.03 27.28
C GLY B 400 -23.73 4.17 27.40
N ARG B 401 -23.25 4.21 28.64
CA ARG B 401 -21.83 4.31 28.89
C ARG B 401 -21.12 3.07 28.36
N ILE B 402 -20.02 3.29 27.63
CA ILE B 402 -19.28 2.18 27.09
C ILE B 402 -18.49 1.40 28.15
N GLY B 403 -17.94 2.11 29.12
CA GLY B 403 -17.18 1.43 30.16
C GLY B 403 -17.92 1.30 31.49
N GLY B 404 -17.30 0.63 32.45
CA GLY B 404 -17.90 0.47 33.76
C GLY B 404 -18.45 -0.92 34.04
N GLY B 405 -18.87 -1.62 32.99
CA GLY B 405 -19.40 -2.95 33.16
C GLY B 405 -20.92 -3.00 33.26
N ARG B 406 -21.45 -4.21 33.33
CA ARG B 406 -22.88 -4.45 33.45
C ARG B 406 -23.73 -3.45 32.67
N ASN B 407 -23.40 -3.18 31.42
CA ASN B 407 -24.23 -2.24 30.66
C ASN B 407 -24.54 -2.60 29.21
N ILE B 408 -24.64 -3.90 28.92
CA ILE B 408 -24.98 -4.36 27.58
C ILE B 408 -26.36 -5.04 27.65
N ASP B 409 -27.28 -4.58 26.82
CA ASP B 409 -28.63 -5.14 26.80
C ASP B 409 -28.60 -6.63 26.46
N HIS B 410 -29.42 -7.42 27.14
CA HIS B 410 -29.47 -8.87 26.93
C HIS B 410 -29.74 -9.23 25.48
N HIS B 411 -30.52 -8.41 24.80
CA HIS B 411 -30.83 -8.66 23.40
C HIS B 411 -29.59 -8.90 22.53
N ILE B 412 -28.52 -8.14 22.77
CA ILE B 412 -27.32 -8.33 21.96
C ILE B 412 -26.12 -8.86 22.73
N LEU B 413 -26.33 -9.28 23.98
CA LEU B 413 -25.21 -9.77 24.79
C LEU B 413 -24.43 -10.94 24.18
N HIS B 414 -25.02 -11.65 23.24
CA HIS B 414 -24.32 -12.77 22.62
C HIS B 414 -23.10 -12.27 21.87
N VAL B 415 -23.16 -11.02 21.42
CA VAL B 415 -22.03 -10.47 20.69
C VAL B 415 -20.76 -10.41 21.56
N ALA B 416 -20.90 -10.01 22.81
CA ALA B 416 -19.74 -9.94 23.69
C ALA B 416 -19.20 -11.35 23.96
N VAL B 417 -20.09 -12.29 24.21
CA VAL B 417 -19.68 -13.68 24.44
C VAL B 417 -18.83 -14.15 23.26
N ASP B 418 -19.27 -13.84 22.05
CA ASP B 418 -18.54 -14.25 20.86
C ASP B 418 -17.22 -13.52 20.65
N VAL B 419 -17.13 -12.29 21.12
CA VAL B 419 -15.89 -11.54 20.97
C VAL B 419 -14.88 -12.23 21.86
N ILE B 420 -15.33 -12.61 23.04
CA ILE B 420 -14.47 -13.30 23.98
C ILE B 420 -14.05 -14.64 23.39
N LYS B 421 -14.99 -15.38 22.84
CA LYS B 421 -14.64 -16.67 22.26
C LYS B 421 -13.65 -16.52 21.10
N GLU B 422 -13.84 -15.49 20.28
CA GLU B 422 -12.94 -15.29 19.15
C GLU B 422 -11.56 -14.84 19.58
N SER B 423 -11.51 -14.07 20.65
CA SER B 423 -10.25 -13.60 21.20
C SER B 423 -9.37 -14.80 21.49
N ARG B 424 -9.95 -15.80 22.14
CA ARG B 424 -9.23 -17.01 22.48
C ARG B 424 -8.81 -17.74 21.20
N VAL B 425 -9.66 -17.71 20.18
CA VAL B 425 -9.32 -18.33 18.91
C VAL B 425 -8.15 -17.55 18.30
N LEU B 426 -8.23 -16.23 18.33
CA LEU B 426 -7.15 -15.41 17.79
C LEU B 426 -5.93 -15.48 18.71
N ARG B 427 -6.11 -16.06 19.88
CA ARG B 427 -5.04 -16.17 20.86
C ARG B 427 -4.44 -14.79 21.16
N LEU B 428 -5.30 -13.83 21.45
CA LEU B 428 -4.91 -12.48 21.78
C LEU B 428 -4.13 -12.49 23.09
N GLN B 429 -2.99 -11.79 23.13
CA GLN B 429 -2.19 -11.73 24.34
C GLN B 429 -2.94 -11.04 25.48
N PRO B 430 -2.51 -11.25 26.73
CA PRO B 430 -3.21 -10.63 27.86
C PRO B 430 -3.25 -9.09 27.93
N PHE B 431 -4.36 -8.58 28.47
CA PHE B 431 -4.57 -7.15 28.64
C PHE B 431 -3.33 -6.40 29.13
N ASN B 432 -2.73 -6.85 30.22
CA ASN B 432 -1.58 -6.13 30.68
C ASN B 432 -0.50 -6.03 29.60
N GLU B 433 -0.39 -7.04 28.75
CA GLU B 433 0.62 -6.97 27.70
C GLU B 433 0.25 -5.85 26.72
N TYR B 434 -1.02 -5.71 26.40
CA TYR B 434 -1.42 -4.63 25.50
C TYR B 434 -1.21 -3.27 26.17
N ARG B 435 -1.41 -3.22 27.49
CA ARG B 435 -1.20 -1.98 28.23
C ARG B 435 0.25 -1.53 27.98
N LYS B 436 1.18 -2.47 28.13
CA LYS B 436 2.58 -2.16 27.93
C LYS B 436 2.87 -1.74 26.51
N ARG B 437 2.33 -2.48 25.55
CA ARG B 437 2.56 -2.17 24.14
C ARG B 437 2.07 -0.76 23.80
N PHE B 438 1.19 -0.21 24.62
CA PHE B 438 0.68 1.12 24.36
C PHE B 438 1.07 2.18 25.38
N GLY B 439 2.26 2.01 25.96
CA GLY B 439 2.80 2.98 26.92
C GLY B 439 2.23 3.04 28.33
N MET B 440 1.62 1.96 28.80
CA MET B 440 1.06 1.98 30.14
C MET B 440 1.63 0.89 31.01
N LYS B 441 1.73 1.16 32.31
CA LYS B 441 2.21 0.15 33.25
C LYS B 441 1.04 -0.82 33.37
N PRO B 442 1.32 -2.11 33.65
CA PRO B 442 0.24 -3.09 33.79
C PRO B 442 -0.46 -2.93 35.14
N TYR B 443 -1.73 -3.33 35.22
CA TYR B 443 -2.43 -3.24 36.49
C TYR B 443 -1.85 -4.33 37.38
N THR B 444 -1.68 -4.02 38.66
CA THR B 444 -1.10 -4.96 39.61
C THR B 444 -2.13 -5.78 40.38
N SER B 445 -3.40 -5.47 40.18
CA SER B 445 -4.47 -6.20 40.86
C SER B 445 -5.80 -5.86 40.21
N PHE B 446 -6.77 -6.78 40.29
CA PHE B 446 -8.07 -6.49 39.72
C PHE B 446 -8.69 -5.28 40.40
N GLN B 447 -8.44 -5.16 41.69
CA GLN B 447 -8.96 -4.04 42.45
C GLN B 447 -8.37 -2.74 41.90
N GLU B 448 -7.17 -2.81 41.33
CA GLU B 448 -6.57 -1.61 40.75
C GLU B 448 -7.22 -1.33 39.39
N LEU B 449 -7.60 -2.40 38.67
CA LEU B 449 -8.26 -2.29 37.37
C LEU B 449 -9.64 -1.64 37.53
N THR B 450 -10.52 -2.30 38.27
CA THR B 450 -11.86 -1.78 38.53
C THR B 450 -11.68 -0.96 39.80
N GLY B 451 -12.12 0.29 39.81
CA GLY B 451 -11.92 1.06 41.03
C GLY B 451 -12.76 0.63 42.23
N GLU B 452 -13.12 -0.64 42.31
CA GLU B 452 -13.95 -1.11 43.41
C GLU B 452 -13.49 -2.43 44.01
N LYS B 453 -14.31 -3.03 44.85
CA LYS B 453 -13.93 -4.28 45.50
C LYS B 453 -14.69 -5.55 45.11
N GLU B 454 -16.01 -5.47 45.04
CA GLU B 454 -16.80 -6.65 44.73
C GLU B 454 -16.46 -7.36 43.41
N MET B 455 -16.67 -6.71 42.28
CA MET B 455 -16.35 -7.33 40.98
C MET B 455 -14.92 -7.82 40.99
N ALA B 456 -14.03 -6.93 41.43
CA ALA B 456 -12.61 -7.22 41.50
C ALA B 456 -12.35 -8.57 42.16
N ALA B 457 -12.94 -8.77 43.34
CA ALA B 457 -12.77 -10.01 44.08
C ALA B 457 -13.21 -11.23 43.30
N GLU B 458 -14.30 -11.11 42.57
CA GLU B 458 -14.83 -12.22 41.79
C GLU B 458 -13.97 -12.50 40.57
N LEU B 459 -13.53 -11.43 39.89
CA LEU B 459 -12.67 -11.61 38.72
C LEU B 459 -11.39 -12.28 39.18
N GLU B 460 -10.91 -11.89 40.35
CA GLU B 460 -9.68 -12.45 40.92
C GLU B 460 -9.82 -13.97 41.09
N GLU B 461 -10.98 -14.40 41.54
CA GLU B 461 -11.23 -15.82 41.76
C GLU B 461 -11.31 -16.56 40.43
N LEU B 462 -11.96 -15.94 39.44
CA LEU B 462 -12.13 -16.52 38.11
C LEU B 462 -10.86 -16.60 37.29
N TYR B 463 -10.18 -15.45 37.11
CA TYR B 463 -8.95 -15.44 36.32
C TYR B 463 -7.75 -15.93 37.12
N GLY B 464 -7.82 -15.79 38.44
CA GLY B 464 -6.71 -16.23 39.27
C GLY B 464 -5.53 -15.28 39.29
N ASP B 465 -5.27 -14.59 38.19
CA ASP B 465 -4.15 -13.65 38.13
C ASP B 465 -4.43 -12.48 37.17
N ILE B 466 -4.22 -11.26 37.66
CA ILE B 466 -4.45 -10.07 36.85
C ILE B 466 -3.79 -10.20 35.49
N ASP B 467 -2.66 -10.90 35.44
CA ASP B 467 -1.93 -11.09 34.18
C ASP B 467 -2.62 -12.02 33.19
N ALA B 468 -3.73 -12.61 33.59
CA ALA B 468 -4.48 -13.52 32.73
C ALA B 468 -5.71 -12.80 32.16
N LEU B 469 -6.08 -11.67 32.76
CA LEU B 469 -7.21 -10.92 32.26
C LEU B 469 -7.06 -10.71 30.74
N GLU B 470 -8.13 -11.00 30.00
CA GLU B 470 -8.09 -10.88 28.55
C GLU B 470 -8.31 -9.46 28.06
N PHE B 471 -7.97 -9.25 26.79
CA PHE B 471 -8.09 -7.94 26.13
C PHE B 471 -9.46 -7.27 26.22
N TYR B 472 -10.45 -7.81 25.52
CA TYR B 472 -11.78 -7.21 25.52
C TYR B 472 -12.33 -7.03 26.92
N PRO B 473 -12.33 -8.10 27.72
CA PRO B 473 -12.85 -8.00 29.09
C PRO B 473 -12.26 -6.79 29.84
N GLY B 474 -10.93 -6.66 29.76
CA GLY B 474 -10.24 -5.56 30.43
C GLY B 474 -10.69 -4.18 29.99
N LEU B 475 -10.80 -3.96 28.68
CA LEU B 475 -11.22 -2.67 28.16
C LEU B 475 -12.57 -2.25 28.72
N LEU B 476 -13.51 -3.18 28.80
CA LEU B 476 -14.86 -2.87 29.30
C LEU B 476 -15.03 -2.85 30.81
N LEU B 477 -14.11 -3.44 31.55
CA LEU B 477 -14.21 -3.47 33.00
C LEU B 477 -13.31 -2.47 33.69
N GLU B 478 -12.40 -1.88 32.91
CA GLU B 478 -11.49 -0.90 33.47
C GLU B 478 -12.31 0.31 33.95
N LYS B 479 -11.94 0.86 35.12
CA LYS B 479 -12.64 2.01 35.67
C LYS B 479 -12.59 3.17 34.69
N CYS B 480 -13.67 3.95 34.64
CA CYS B 480 -13.76 5.08 33.74
C CYS B 480 -13.14 6.35 34.28
N HIS B 481 -12.68 7.20 33.37
CA HIS B 481 -12.14 8.50 33.74
C HIS B 481 -13.33 9.17 34.44
N PRO B 482 -13.08 10.23 35.22
CA PRO B 482 -14.15 10.94 35.94
C PRO B 482 -15.58 10.67 35.47
N ASN B 483 -16.11 11.56 34.64
CA ASN B 483 -17.47 11.39 34.11
C ASN B 483 -17.31 11.04 32.65
N SER B 484 -16.43 10.10 32.34
CA SER B 484 -16.18 9.73 30.96
C SER B 484 -16.97 8.52 30.48
N ILE B 485 -17.01 8.34 29.17
CA ILE B 485 -17.75 7.24 28.57
C ILE B 485 -17.01 5.91 28.76
N PHE B 486 -15.71 5.98 29.00
CA PHE B 486 -14.90 4.78 29.24
C PHE B 486 -13.54 5.07 29.87
N GLY B 487 -12.75 4.01 30.06
CA GLY B 487 -11.44 4.12 30.68
C GLY B 487 -10.31 4.56 29.79
N GLU B 488 -9.15 4.83 30.40
CA GLU B 488 -7.99 5.31 29.65
C GLU B 488 -7.52 4.32 28.60
N SER B 489 -7.63 3.03 28.90
CA SER B 489 -7.18 2.02 27.95
C SER B 489 -7.86 2.16 26.62
N MET B 490 -9.16 2.41 26.64
CA MET B 490 -9.92 2.55 25.41
C MET B 490 -9.36 3.73 24.59
N ILE B 491 -9.02 4.81 25.28
CA ILE B 491 -8.44 5.99 24.62
C ILE B 491 -6.99 5.77 24.21
N GLU B 492 -6.15 5.37 25.16
CA GLU B 492 -4.73 5.15 24.91
C GLU B 492 -4.42 4.02 23.95
N MET B 493 -5.37 3.09 23.78
CA MET B 493 -5.18 1.97 22.87
C MET B 493 -5.95 2.20 21.58
N GLY B 494 -7.04 2.97 21.67
CA GLY B 494 -7.85 3.22 20.49
C GLY B 494 -7.46 4.45 19.67
N ALA B 495 -6.90 5.46 20.32
CA ALA B 495 -6.49 6.67 19.63
C ALA B 495 -5.46 6.39 18.53
N PRO B 496 -4.42 5.60 18.85
CA PRO B 496 -3.44 5.31 17.80
C PRO B 496 -4.05 4.64 16.56
N PHE B 497 -4.89 3.61 16.79
CA PHE B 497 -5.55 2.89 15.69
C PHE B 497 -6.43 3.83 14.87
N SER B 498 -7.21 4.63 15.58
CA SER B 498 -8.13 5.55 14.92
C SER B 498 -7.45 6.55 14.01
N LEU B 499 -6.68 7.47 14.61
CA LEU B 499 -5.98 8.52 13.89
C LEU B 499 -5.06 7.99 12.78
N LYS B 500 -4.39 6.88 13.05
CA LYS B 500 -3.53 6.30 12.02
C LYS B 500 -4.41 5.96 10.81
N GLY B 501 -5.61 5.45 11.09
CA GLY B 501 -6.53 5.09 10.04
C GLY B 501 -7.12 6.28 9.31
N LEU B 502 -7.36 7.39 10.02
CA LEU B 502 -7.91 8.57 9.37
C LEU B 502 -6.84 9.27 8.54
N LEU B 503 -5.75 9.64 9.19
CA LEU B 503 -4.66 10.35 8.53
C LEU B 503 -3.82 9.50 7.59
N GLY B 504 -3.82 8.19 7.79
CA GLY B 504 -3.05 7.33 6.93
C GLY B 504 -3.83 6.98 5.69
N ASN B 505 -4.59 7.93 5.18
CA ASN B 505 -5.40 7.72 3.99
C ASN B 505 -4.71 8.44 2.85
N PRO B 506 -4.66 7.81 1.66
CA PRO B 506 -4.02 8.46 0.52
C PRO B 506 -4.46 9.91 0.23
N ILE B 507 -5.74 10.25 0.43
CA ILE B 507 -6.14 11.65 0.17
C ILE B 507 -5.46 12.63 1.12
N CYS B 508 -4.84 12.13 2.19
CA CYS B 508 -4.16 13.00 3.15
C CYS B 508 -2.68 13.20 2.84
N SER B 509 -2.23 12.59 1.75
CA SER B 509 -0.83 12.70 1.33
C SER B 509 -0.65 13.96 0.50
N PRO B 510 0.56 14.56 0.56
CA PRO B 510 0.87 15.78 -0.19
C PRO B 510 0.47 15.67 -1.68
N GLU B 511 0.62 14.48 -2.25
CA GLU B 511 0.29 14.23 -3.66
C GLU B 511 -1.20 14.35 -3.97
N TYR B 512 -2.05 13.77 -3.12
CA TYR B 512 -3.49 13.82 -3.34
C TYR B 512 -4.15 15.07 -2.77
N TRP B 513 -3.65 15.58 -1.65
CA TRP B 513 -4.26 16.74 -1.01
C TRP B 513 -4.01 18.05 -1.77
N LYS B 514 -4.70 18.17 -2.90
CA LYS B 514 -4.65 19.32 -3.81
C LYS B 514 -6.10 19.58 -4.25
N ALA B 515 -6.44 20.84 -4.53
CA ALA B 515 -7.80 21.15 -4.98
C ALA B 515 -8.19 20.40 -6.27
N SER B 516 -7.26 20.19 -7.18
CA SER B 516 -7.60 19.51 -8.43
C SER B 516 -8.20 18.11 -8.21
N THR B 517 -7.69 17.42 -7.19
CA THR B 517 -8.16 16.09 -6.84
C THR B 517 -9.65 16.06 -6.54
N PHE B 518 -10.14 17.13 -5.93
CA PHE B 518 -11.55 17.21 -5.57
C PHE B 518 -12.41 18.05 -6.53
N GLY B 519 -11.92 18.25 -7.75
CA GLY B 519 -12.68 19.02 -8.73
C GLY B 519 -12.50 20.52 -8.66
N GLY B 520 -11.58 20.97 -7.82
CA GLY B 520 -11.34 22.39 -7.71
C GLY B 520 -11.64 22.93 -6.33
N GLU B 521 -11.63 24.25 -6.20
CA GLU B 521 -11.89 24.88 -4.92
C GLU B 521 -13.28 24.52 -4.39
N VAL B 522 -14.24 24.28 -5.28
CA VAL B 522 -15.58 23.93 -4.84
C VAL B 522 -15.56 22.59 -4.11
N GLY B 523 -14.92 21.59 -4.70
CA GLY B 523 -14.85 20.29 -4.08
C GLY B 523 -14.05 20.33 -2.78
N PHE B 524 -12.87 20.93 -2.84
CA PHE B 524 -12.00 21.04 -1.66
C PHE B 524 -12.74 21.66 -0.48
N ASN B 525 -13.47 22.74 -0.70
CA ASN B 525 -14.19 23.38 0.40
C ASN B 525 -15.26 22.49 1.01
N LEU B 526 -15.84 21.60 0.21
CA LEU B 526 -16.85 20.69 0.73
C LEU B 526 -16.19 19.80 1.78
N VAL B 527 -14.89 19.55 1.60
CA VAL B 527 -14.14 18.74 2.56
C VAL B 527 -13.69 19.60 3.73
N LYS B 528 -13.01 20.70 3.42
CA LYS B 528 -12.51 21.60 4.46
C LYS B 528 -13.57 22.14 5.42
N THR B 529 -14.84 22.10 5.01
CA THR B 529 -15.90 22.65 5.87
C THR B 529 -17.05 21.72 6.18
N ALA B 530 -16.87 20.43 5.97
CA ALA B 530 -17.93 19.45 6.25
C ALA B 530 -18.37 19.45 7.71
N THR B 531 -19.67 19.21 7.92
CA THR B 531 -20.25 19.16 9.26
C THR B 531 -21.37 18.11 9.32
N LEU B 532 -21.58 17.53 10.50
CA LEU B 532 -22.62 16.53 10.72
C LEU B 532 -23.97 17.19 10.41
N LYS B 533 -24.09 18.45 10.81
CA LYS B 533 -25.30 19.24 10.60
C LYS B 533 -25.56 19.51 9.11
N LYS B 534 -24.49 19.81 8.36
CA LYS B 534 -24.61 20.07 6.94
C LYS B 534 -24.82 18.77 6.17
N LEU B 535 -24.22 17.68 6.65
CA LEU B 535 -24.37 16.38 6.01
C LEU B 535 -25.84 16.00 5.98
N VAL B 536 -26.51 16.26 7.10
CA VAL B 536 -27.93 15.97 7.25
C VAL B 536 -28.80 17.03 6.59
N CYS B 537 -28.81 18.21 7.19
CA CYS B 537 -29.64 19.30 6.72
C CYS B 537 -29.56 19.75 5.28
N LEU B 538 -28.39 19.63 4.66
CA LEU B 538 -28.27 20.02 3.27
C LEU B 538 -28.88 18.96 2.37
N ASN B 539 -29.43 17.90 2.99
CA ASN B 539 -30.02 16.79 2.25
C ASN B 539 -31.45 16.42 2.67
N THR B 540 -32.00 17.16 3.63
CA THR B 540 -33.35 16.88 4.11
C THR B 540 -34.28 18.05 3.84
N LYS B 541 -35.59 17.78 3.88
CA LYS B 541 -36.60 18.79 3.66
C LYS B 541 -36.61 19.81 4.78
N THR B 542 -36.51 19.34 6.02
CA THR B 542 -36.49 20.22 7.19
C THR B 542 -35.29 19.84 8.05
N CYS B 543 -34.67 20.84 8.68
CA CYS B 543 -33.50 20.59 9.50
C CYS B 543 -33.87 20.32 10.96
N PRO B 544 -33.68 19.08 11.41
CA PRO B 544 -34.02 18.75 12.80
C PRO B 544 -32.88 19.08 13.74
N TYR B 545 -32.97 18.53 14.95
CA TYR B 545 -31.92 18.69 15.95
C TYR B 545 -30.96 17.57 15.58
N VAL B 546 -29.77 17.93 15.12
CA VAL B 546 -28.77 16.94 14.75
C VAL B 546 -27.46 17.19 15.51
N SER B 547 -26.95 16.15 16.16
CA SER B 547 -25.72 16.26 16.93
C SER B 547 -25.32 14.90 17.49
N PHE B 548 -24.10 14.82 18.01
CA PHE B 548 -23.58 13.59 18.61
C PHE B 548 -23.78 13.68 20.12
N HIS B 549 -24.22 14.84 20.58
CA HIS B 549 -24.45 15.08 22.00
C HIS B 549 -25.94 15.29 22.19
N VAL B 550 -26.48 14.75 23.27
CA VAL B 550 -27.91 14.90 23.57
C VAL B 550 -28.16 16.39 23.89
N PRO B 551 -29.37 16.89 23.64
CA PRO B 551 -29.65 18.30 23.94
C PRO B 551 -29.64 18.63 25.43
C1 BOG C . 19.35 14.10 -10.70
O1 BOG C . 19.88 13.70 -9.44
C2 BOG C . 17.90 14.67 -10.58
O2 BOG C . 17.01 13.71 -10.01
C3 BOG C . 17.41 15.09 -11.99
O3 BOG C . 16.08 15.61 -11.89
C4 BOG C . 18.38 16.15 -12.57
O4 BOG C . 17.95 16.57 -13.88
C5 BOG C . 19.74 15.61 -12.65
O5 BOG C . 20.24 15.13 -11.33
C6 BOG C . 20.77 16.65 -13.20
O6 BOG C . 20.53 18.01 -12.80
C1' BOG C . 21.22 13.14 -9.42
C2' BOG C . 21.61 12.79 -7.98
C3' BOG C . 22.51 13.70 -7.46
C4' BOG C . 23.92 13.10 -7.36
C5' BOG C . 25.00 14.18 -7.08
C6' BOG C . 26.41 13.71 -7.46
C7' BOG C . 27.34 14.69 -7.20
C8' BOG C . 28.73 14.23 -7.60
C1 NAG D . -0.51 30.34 -20.88
C2 NAG D . 0.23 31.56 -21.43
C3 NAG D . -0.47 31.99 -22.78
C4 NAG D . -0.41 30.79 -23.78
C5 NAG D . -1.17 29.58 -23.12
C6 NAG D . -1.15 28.29 -23.95
C7 NAG D . 1.34 32.88 -19.66
C8 NAG D . 1.21 33.90 -18.55
N2 NAG D . 0.25 32.59 -20.40
O3 NAG D . 0.20 33.13 -23.33
O4 NAG D . -1.03 31.13 -25.04
O5 NAG D . -0.57 29.24 -21.82
O6 NAG D . 0.08 27.58 -23.79
O7 NAG D . 2.45 32.33 -19.82
C1 NAG E . -1.23 29.61 -27.45
C2 NAG E . -2.63 29.31 -28.05
C3 NAG E . -2.41 28.63 -29.47
C4 NAG E . -1.58 29.60 -30.39
C5 NAG E . -0.21 29.89 -29.67
C6 NAG E . 0.69 30.86 -30.42
C7 NAG E . -4.21 28.99 -26.12
C8 NAG E . -5.49 28.27 -25.79
N2 NAG E . -3.40 28.47 -27.10
O3 NAG E . -3.67 28.33 -30.07
O4 NAG E . -1.36 29.06 -31.70
O5 NAG E . -0.40 30.44 -28.31
O6 NAG E . 2.01 30.86 -29.86
O7 NAG E . -3.94 30.02 -25.49
C1 NAG F . -9.74 -3.44 -12.01
C2 NAG F . -10.71 -4.42 -11.34
C3 NAG F . -11.09 -5.50 -12.41
C4 NAG F . -11.72 -4.77 -13.61
C5 NAG F . -10.66 -3.73 -14.20
C6 NAG F . -11.17 -2.89 -15.37
C7 NAG F . -10.65 -5.26 -9.01
C8 NAG F . -10.04 -6.29 -8.10
N2 NAG F . -10.05 -5.02 -10.17
O3 NAG F . -12.02 -6.46 -11.84
O4 NAG F . -12.08 -5.71 -14.61
O5 NAG F . -10.27 -2.78 -13.15
O6 NAG F . -11.76 -1.68 -14.88
O7 NAG F . -11.67 -4.66 -8.64
C1 NAG G . 19.18 -28.07 -28.94
C2 NAG G . 19.46 -28.13 -30.46
C3 NAG G . 20.55 -29.26 -30.72
C4 NAG G . 21.84 -28.92 -29.92
C5 NAG G . 21.46 -28.82 -28.38
C6 NAG G . 22.64 -28.43 -27.49
C7 NAG G . 17.21 -27.47 -31.27
C8 NAG G . 17.22 -26.52 -32.44
N2 NAG G . 18.22 -28.39 -31.16
O3 NAG G . 20.82 -29.34 -32.13
O4 NAG G . 22.90 -29.90 -30.13
O5 NAG G . 20.37 -27.82 -28.16
O6 NAG G . 22.18 -27.83 -26.25
O7 NAG G . 16.30 -27.40 -30.46
C1 NAG H . -5.71 -21.12 0.60
C2 NAG H . -7.09 -21.41 1.26
C3 NAG H . -7.25 -22.98 1.38
C4 NAG H . -7.15 -23.62 -0.06
C5 NAG H . -5.74 -23.23 -0.66
C6 NAG H . -5.51 -23.75 -2.09
C7 NAG H . -8.31 -20.10 3.09
C8 NAG H . -8.47 -20.00 4.58
N2 NAG H . -7.17 -20.70 2.58
O3 NAG H . -8.50 -23.27 2.00
O4 NAG H . -7.30 -25.06 -0.04
O5 NAG H . -5.54 -21.76 -0.70
O6 NAG H . -5.52 -22.68 -3.05
O7 NAG H . -9.20 -19.62 2.39
CHA HEM I . 8.22 -8.21 -23.96
CHB HEM I . 10.58 -11.44 -26.58
CHC HEM I . 14.73 -10.10 -24.53
CHD HEM I . 12.35 -6.81 -21.90
C1A HEM I . 8.49 -9.20 -24.88
C2A HEM I . 7.49 -9.89 -25.70
C3A HEM I . 8.19 -10.80 -26.44
C4A HEM I . 9.58 -10.67 -26.05
CMA HEM I . 7.61 -11.80 -27.46
CAA HEM I . 5.97 -9.63 -25.73
CBA HEM I . 5.58 -9.13 -27.14
CGA HEM I . 4.09 -8.84 -27.39
O1A HEM I . 3.25 -9.03 -26.47
O2A HEM I . 3.77 -8.44 -28.54
C1B HEM I . 11.92 -11.37 -26.25
C2B HEM I . 12.90 -12.25 -26.83
C3B HEM I . 14.11 -11.85 -26.25
C4B HEM I . 13.80 -10.76 -25.31
CMB HEM I . 12.62 -13.35 -27.89
CAB HEM I . 15.50 -12.48 -26.54
CBB HEM I . 15.61 -13.99 -26.40
C1C HEM I . 14.45 -9.07 -23.63
C2C HEM I . 15.45 -8.40 -22.81
C3C HEM I . 14.78 -7.48 -22.08
C4C HEM I . 13.36 -7.58 -22.45
CMC HEM I . 16.96 -8.71 -22.80
CAC HEM I . 15.42 -6.45 -21.14
CBC HEM I . 15.21 -6.60 -19.66
C1D HEM I . 11.01 -6.91 -22.22
C2D HEM I . 9.95 -6.12 -21.60
C3D HEM I . 8.79 -6.54 -22.19
C4D HEM I . 9.14 -7.55 -23.15
CMD HEM I . 10.12 -5.06 -20.50
CAD HEM I . 7.37 -6.08 -21.91
CBD HEM I . 6.74 -6.89 -20.77
CGD HEM I . 5.24 -6.74 -20.57
O1D HEM I . 4.69 -5.66 -20.91
O2D HEM I . 4.60 -7.69 -20.05
NA HEM I . 9.77 -9.69 -25.10
NB HEM I . 12.44 -10.46 -25.32
NC HEM I . 13.17 -8.56 -23.41
ND HEM I . 10.51 -7.79 -23.17
FE HEM I . 11.46 -9.11 -24.28
C FL2 J . 17.04 2.42 -16.32
C1 FL2 J . 17.92 3.27 -15.55
C2 FL2 J . 18.54 2.74 -14.31
C3 FL2 J . 18.27 1.37 -13.92
C4 FL2 J . 17.38 0.54 -14.72
C5 FL2 J . 16.78 1.08 -15.91
C6 FL2 J . 19.46 3.60 -13.48
C7 FL2 J . 19.22 3.77 -12.02
C8 FL2 J . 20.13 4.61 -11.26
C9 FL2 J . 21.28 5.27 -11.92
C10 FL2 J . 21.50 5.10 -13.31
C11 FL2 J . 20.61 4.28 -14.04
C12 FL2 J . 22.31 6.18 -11.19
C13 FL2 J . 22.69 5.66 -9.79
C14 FL2 J . 21.82 7.64 -11.36
O FL2 J . 22.45 8.21 -12.32
O1 FL2 J . 20.86 8.31 -10.65
F FL2 J . 20.89 4.18 -15.35
C16 FL2 J . 20.14 7.68 -9.57
C1 NAG K . -14.59 -4.99 -15.27
C2 NAG K . -14.15 -5.75 -16.54
C3 NAG K . -15.36 -5.69 -17.56
C4 NAG K . -16.63 -6.35 -16.89
C5 NAG K . -16.95 -5.54 -15.58
C6 NAG K . -18.13 -6.10 -14.78
C7 NAG K . -11.86 -5.85 -17.61
C8 NAG K . -11.21 -5.30 -18.86
N2 NAG K . -12.90 -5.14 -17.06
O3 NAG K . -14.98 -6.38 -18.75
O4 NAG K . -17.78 -6.35 -17.78
O5 NAG K . -15.79 -5.52 -14.67
O6 NAG K . -17.67 -6.70 -13.54
O7 NAG K . -11.42 -6.89 -17.14
C1 BOG L . -0.24 10.16 24.61
O1 BOG L . -0.28 11.34 23.83
C2 BOG L . 0.85 9.19 24.07
O2 BOG L . 0.58 8.84 22.71
C3 BOG L . 0.88 7.92 24.96
O3 BOG L . 1.88 7.04 24.46
C4 BOG L . 1.18 8.34 26.43
O4 BOG L . 1.23 7.17 27.27
C5 BOG L . 0.14 9.26 26.92
O5 BOG L . 0.06 10.48 26.05
C6 BOG L . 0.41 9.71 28.39
O6 BOG L . 1.80 9.96 28.72
C1' BOG L . -1.22 12.39 24.16
C2' BOG L . -1.00 13.52 23.16
C3' BOG L . -0.41 14.62 23.74
C4' BOG L . -1.44 15.73 24.00
C5' BOG L . -0.79 17.01 24.55
C6' BOG L . -1.61 17.64 25.69
C7' BOG L . -0.99 18.78 26.16
C8' BOG L . -1.82 19.39 27.28
C1 BOG M . 16.69 -0.09 34.74
O1 BOG M . 17.14 1.00 35.53
C2 BOG M . 17.75 -1.21 34.68
O2 BOG M . 18.98 -0.68 34.12
C3 BOG M . 17.20 -2.42 33.84
O3 BOG M . 18.18 -3.46 33.77
C4 BOG M . 15.86 -2.93 34.51
O4 BOG M . 15.32 -4.06 33.78
C5 BOG M . 14.86 -1.85 34.55
O5 BOG M . 15.40 -0.65 35.30
C6 BOG M . 13.51 -2.29 35.22
O6 BOG M . 13.55 -2.42 36.66
C1' BOG M . 16.34 2.18 35.73
C2' BOG M . 17.16 3.09 36.65
C3' BOG M . 16.66 4.36 36.81
C4' BOG M . 17.68 5.22 37.58
C5' BOG M . 17.47 6.75 37.38
C6' BOG M . 18.77 7.57 37.53
C7' BOG M . 18.58 8.93 37.35
C8' BOG M . 19.89 9.69 37.47
C1 NAG N . 15.77 -11.61 31.16
C2 NAG N . 16.15 -11.41 32.65
C3 NAG N . 16.28 -12.84 33.32
C4 NAG N . 14.92 -13.57 33.18
C5 NAG N . 14.58 -13.70 31.65
C6 NAG N . 13.24 -14.34 31.36
C7 NAG N . 17.37 -9.25 32.73
C8 NAG N . 18.64 -8.53 33.12
N2 NAG N . 17.38 -10.61 32.71
O3 NAG N . 16.64 -12.70 34.68
O4 NAG N . 14.94 -14.90 33.80
O5 NAG N . 14.55 -12.38 31.00
O6 NAG N . 12.20 -13.58 32.01
O7 NAG N . 16.37 -8.58 32.45
C1 NAG O . 11.94 -16.08 34.50
C2 NAG O . 12.33 -17.56 34.22
C3 NAG O . 11.25 -18.50 34.93
C4 NAG O . 11.25 -18.20 36.47
C5 NAG O . 10.89 -16.69 36.66
C6 NAG O . 10.90 -16.24 38.13
C7 NAG O . 13.60 -17.95 32.11
C8 NAG O . 13.64 -18.92 30.94
N2 NAG O . 12.42 -17.75 32.75
O3 NAG O . 11.59 -19.88 34.68
O4 NAG O . 10.31 -19.04 37.19
O5 NAG O . 11.82 -15.80 35.93
O6 NAG O . 10.56 -14.85 38.24
O7 NAG O . 14.65 -17.38 32.40
C1 NAG P . -5.18 -14.88 1.50
C2 NAG P . -5.27 -15.35 0.05
C3 NAG P . -6.37 -16.49 0.01
C4 NAG P . -5.92 -17.62 0.97
C5 NAG P . -5.79 -17.03 2.41
C6 NAG P . -5.30 -18.03 3.44
C7 NAG P . -4.93 -13.92 -1.95
C8 NAG P . -5.49 -12.88 -2.87
N2 NAG P . -5.60 -14.19 -0.81
O3 NAG P . -6.51 -16.97 -1.31
O4 NAG P . -6.87 -18.66 0.95
O5 NAG P . -4.83 -15.93 2.42
O6 NAG P . -3.87 -18.14 3.41
O7 NAG P . -3.88 -14.50 -2.28
C1 NAG Q . -42.80 -1.42 11.89
C2 NAG Q . -43.41 -2.08 13.14
C3 NAG Q . -44.81 -1.42 13.43
C4 NAG Q . -44.60 0.12 13.67
C5 NAG Q . -43.93 0.70 12.35
C6 NAG Q . -43.61 2.19 12.41
C7 NAG Q . -42.42 -4.35 12.95
C8 NAG Q . -42.61 -5.79 13.39
N2 NAG Q . -43.50 -3.54 12.91
O3 NAG Q . -45.39 -2.03 14.59
O4 NAG Q . -45.85 0.81 13.98
O5 NAG Q . -42.66 0.01 12.02
O6 NAG Q . -42.22 2.37 12.76
O7 NAG Q . -41.29 -3.98 12.65
CHA HEM R . -20.66 -7.24 15.22
CHB HEM R . -25.32 -6.90 16.25
CHC HEM R . -24.67 -2.34 17.66
CHD HEM R . -19.97 -2.71 16.62
C1A HEM R . -21.98 -7.56 15.38
C2A HEM R . -22.59 -8.87 15.07
C3A HEM R . -23.91 -8.74 15.37
C4A HEM R . -24.12 -7.39 15.85
CMA HEM R . -24.99 -9.83 15.20
CAA HEM R . -21.89 -10.13 14.52
CBA HEM R . -21.80 -11.14 15.69
CGA HEM R . -21.15 -12.48 15.40
O1A HEM R . -20.70 -12.76 14.26
O2A HEM R . -21.08 -13.31 16.35
C1B HEM R . -25.58 -5.62 16.72
C2B HEM R . -26.88 -5.17 17.11
C3B HEM R . -26.70 -3.88 17.52
C4B HEM R . -25.26 -3.56 17.36
CMB HEM R . -28.21 -6.00 17.07
CAB HEM R . -27.82 -2.97 18.05
CBB HEM R . -28.51 -2.16 16.97
C1C HEM R . -23.31 -2.03 17.51
C2C HEM R . -22.70 -0.74 17.82
C3C HEM R . -21.39 -0.86 17.54
C4C HEM R . -21.20 -2.21 17.04
CMC HEM R . -23.45 0.49 18.38
CAC HEM R . -20.31 0.21 17.80
CBC HEM R . -19.49 0.72 16.62
C1D HEM R . -19.75 -3.96 16.14
C2D HEM R . -18.44 -4.42 15.71
C3D HEM R . -18.65 -5.71 15.30
C4D HEM R . -20.06 -6.01 15.51
CMD HEM R . -17.14 -3.61 15.70
CAD HEM R . -17.62 -6.68 14.71
CBD HEM R . -17.24 -6.40 13.26
CGD HEM R . -16.92 -7.63 12.44
O1D HEM R . -16.16 -8.49 12.92
O2D HEM R . -17.43 -7.74 11.29
NA HEM R . -22.92 -6.68 15.87
NB HEM R . -24.57 -4.65 16.87
NC HEM R . -22.37 -2.93 17.03
ND HEM R . -20.73 -4.93 16.02
FE HEM R . -22.66 -4.81 16.46
C FL2 S . -11.31 4.64 19.96
C1 FL2 S . -10.57 5.82 20.37
C2 FL2 S . -10.71 7.07 19.60
C3 FL2 S . -11.59 7.10 18.44
C4 FL2 S . -12.33 5.90 18.06
C5 FL2 S . -12.18 4.69 18.82
C6 FL2 S . -9.94 8.31 19.99
C7 FL2 S . -9.12 9.05 19.00
C8 FL2 S . -8.40 10.23 19.40
C9 FL2 S . -8.46 10.72 20.79
C10 FL2 S . -9.25 10.01 21.74
C11 FL2 S . -9.95 8.86 21.35
C12 FL2 S . -7.72 11.99 21.33
C13 FL2 S . -7.52 13.07 20.25
C14 FL2 S . -6.48 11.48 22.13
O FL2 S . -6.75 11.48 23.38
O1 FL2 S . -5.28 11.09 21.67
F FL2 S . -10.67 8.27 22.34
C16 FL2 S . -4.95 11.08 20.26
#